data_6NWG
#
_entry.id   6NWG
#
_cell.length_a   56.322
_cell.length_b   106.879
_cell.length_c   152.761
_cell.angle_alpha   90.000
_cell.angle_beta   90.000
_cell.angle_gamma   90.000
#
_symmetry.space_group_name_H-M   'P 21 21 21'
#
loop_
_entity.id
_entity.type
_entity.pdbx_description
1 polymer 'ATP-dependent dethiobiotin synthetase BioD'
2 non-polymer '[(1R,2R)-2-(2-methoxybenzene-1-carbonyl)cyclopentyl]propanedioic acid'
3 water water
#
_entity_poly.entity_id   1
_entity_poly.type   'polypeptide(L)'
_entity_poly.pdbx_seq_one_letter_code
;HHHHHHGGTILVVTGTGTGVGKTVVCAALASAARQAGIDVAVCKPVQTGTARGDDDLAEVGRLAGVTQLAGLARYPQPMA
PAAAAEHAGMALPARDQIVRLIADLDRPGRLTLVEGAGGLLVELAEPGVTLRDVAVDVAAAALVVVTADLGTLNHTKLTL
EALAAQQVSCAGLVIGSWPDPPGLVAASNRSALARIAMVRAALPAGAASLDAGDFAAMSAAAFDRNWVAGLVG
;
_entity_poly.pdbx_strand_id   A,B,C,D
#
# COMPACT_ATOMS: atom_id res chain seq x y z
N GLY A 7 7.89 -19.27 12.20
CA GLY A 7 6.46 -19.49 12.34
C GLY A 7 5.80 -19.71 11.00
N GLY A 8 4.47 -19.64 10.99
CA GLY A 8 3.74 -19.69 9.74
C GLY A 8 3.14 -18.35 9.42
N THR A 9 1.94 -18.34 8.88
CA THR A 9 1.26 -17.11 8.55
C THR A 9 0.16 -16.86 9.58
N ILE A 10 0.18 -15.68 10.20
CA ILE A 10 -0.88 -15.25 11.11
C ILE A 10 -1.64 -14.12 10.45
N LEU A 11 -2.96 -14.27 10.36
CA LEU A 11 -3.85 -13.23 9.86
C LEU A 11 -4.85 -12.91 10.96
N VAL A 12 -4.96 -11.66 11.33
CA VAL A 12 -6.08 -11.25 12.18
C VAL A 12 -7.24 -10.93 11.27
N VAL A 13 -8.43 -11.36 11.68
CA VAL A 13 -9.63 -11.13 10.90
C VAL A 13 -10.46 -10.15 11.70
N THR A 14 -10.56 -8.93 11.20
CA THR A 14 -11.29 -7.88 11.87
C THR A 14 -12.46 -7.46 10.98
N GLY A 15 -13.23 -6.50 11.46
CA GLY A 15 -14.38 -6.01 10.73
C GLY A 15 -14.53 -4.52 10.92
N THR A 16 -15.32 -3.92 10.03
CA THR A 16 -15.66 -2.52 10.18
C THR A 16 -16.65 -2.29 11.29
N GLY A 17 -17.31 -3.35 11.74
CA GLY A 17 -18.10 -3.28 12.95
C GLY A 17 -18.44 -4.67 13.43
N THR A 18 -19.54 -4.75 14.16
CA THR A 18 -20.06 -6.02 14.60
C THR A 18 -21.23 -6.40 13.69
N GLY A 19 -21.46 -7.70 13.56
CA GLY A 19 -22.48 -8.17 12.65
C GLY A 19 -22.13 -8.08 11.18
N VAL A 20 -20.85 -7.95 10.84
CA VAL A 20 -20.45 -7.86 9.43
C VAL A 20 -20.14 -9.25 8.84
N GLY A 21 -20.05 -10.29 9.65
CA GLY A 21 -19.80 -11.62 9.18
C GLY A 21 -18.39 -12.13 9.36
N LYS A 22 -17.66 -11.64 10.38
CA LYS A 22 -16.29 -12.12 10.60
C LYS A 22 -16.23 -13.63 10.76
N THR A 23 -17.18 -14.19 11.50
CA THR A 23 -17.10 -15.62 11.80
C THR A 23 -17.28 -16.45 10.53
N VAL A 24 -18.31 -16.14 9.73
CA VAL A 24 -18.48 -16.89 8.49
C VAL A 24 -17.29 -16.69 7.56
N VAL A 25 -16.70 -15.49 7.56
CA VAL A 25 -15.48 -15.29 6.77
C VAL A 25 -14.35 -16.15 7.31
N CYS A 26 -14.18 -16.22 8.64
CA CYS A 26 -13.14 -17.10 9.17
C CYS A 26 -13.36 -18.53 8.74
N ALA A 27 -14.61 -18.99 8.80
CA ALA A 27 -14.88 -20.36 8.41
C ALA A 27 -14.60 -20.56 6.92
N ALA A 28 -15.00 -19.60 6.09
CA ALA A 28 -14.86 -19.77 4.64
C ALA A 28 -13.40 -19.77 4.24
N LEU A 29 -12.61 -18.82 4.76
CA LEU A 29 -11.19 -18.83 4.45
C LEU A 29 -10.55 -20.09 5.01
N ALA A 30 -10.96 -20.53 6.20
CA ALA A 30 -10.38 -21.76 6.74
C ALA A 30 -10.70 -22.94 5.83
N SER A 31 -11.95 -23.02 5.38
CA SER A 31 -12.32 -24.13 4.51
C SER A 31 -11.54 -24.08 3.19
N ALA A 32 -11.43 -22.90 2.57
CA ALA A 32 -10.64 -22.79 1.33
C ALA A 32 -9.19 -23.17 1.54
N ALA A 33 -8.58 -22.74 2.65
CA ALA A 33 -7.18 -23.09 2.87
C ALA A 33 -7.01 -24.58 3.13
N ARG A 34 -7.91 -25.17 3.93
CA ARG A 34 -7.82 -26.61 4.13
C ARG A 34 -7.94 -27.36 2.82
N GLN A 35 -8.84 -26.93 1.94
CA GLN A 35 -8.95 -27.61 0.65
C GLN A 35 -7.74 -27.39 -0.24
N ALA A 36 -6.89 -26.42 0.08
CA ALA A 36 -5.64 -26.25 -0.66
C ALA A 36 -4.48 -26.98 0.01
N GLY A 37 -4.75 -27.74 1.07
CA GLY A 37 -3.74 -28.53 1.73
C GLY A 37 -3.03 -27.81 2.85
N ILE A 38 -3.55 -26.67 3.28
CA ILE A 38 -2.91 -25.86 4.31
C ILE A 38 -3.47 -26.25 5.67
N ASP A 39 -2.57 -26.52 6.61
CA ASP A 39 -2.88 -26.66 8.02
C ASP A 39 -3.47 -25.36 8.58
N VAL A 40 -4.68 -25.41 9.14
CA VAL A 40 -5.38 -24.19 9.59
C VAL A 40 -5.71 -24.29 11.08
N ALA A 41 -5.39 -23.26 11.85
CA ALA A 41 -5.95 -23.08 13.18
C ALA A 41 -6.73 -21.77 13.25
N VAL A 42 -7.82 -21.78 14.04
CA VAL A 42 -8.62 -20.57 14.24
C VAL A 42 -8.67 -20.27 15.73
N CYS A 43 -8.44 -19.00 16.08
CA CYS A 43 -8.27 -18.53 17.44
C CYS A 43 -9.25 -17.39 17.69
N LYS A 44 -9.92 -17.39 18.84
CA LYS A 44 -10.86 -16.33 19.19
C LYS A 44 -10.54 -15.93 20.62
N PRO A 45 -9.61 -14.98 20.82
CA PRO A 45 -9.10 -14.71 22.16
C PRO A 45 -10.13 -14.12 23.10
N VAL A 46 -11.10 -13.36 22.59
CA VAL A 46 -12.16 -12.82 23.43
C VAL A 46 -13.50 -13.10 22.77
N GLN A 47 -14.35 -13.81 23.49
CA GLN A 47 -15.71 -14.13 23.07
C GLN A 47 -16.69 -13.55 24.09
N THR A 48 -17.60 -12.69 23.62
CA THR A 48 -18.69 -12.20 24.47
C THR A 48 -20.00 -12.88 24.06
N GLY A 49 -21.07 -12.55 24.79
CA GLY A 49 -22.39 -13.07 24.48
C GLY A 49 -22.58 -14.55 24.71
N THR A 50 -21.76 -15.17 25.58
CA THR A 50 -21.89 -16.62 25.71
C THR A 50 -23.21 -17.00 26.38
N ALA A 51 -23.80 -16.10 27.17
CA ALA A 51 -25.06 -16.42 27.84
C ALA A 51 -26.22 -16.44 26.86
N ARG A 52 -26.06 -15.89 25.67
CA ARG A 52 -27.10 -16.02 24.68
C ARG A 52 -26.77 -17.07 23.65
N GLY A 53 -25.70 -17.83 23.89
CA GLY A 53 -25.29 -18.93 23.03
C GLY A 53 -24.21 -18.58 22.03
N ASP A 54 -23.69 -17.36 22.06
CA ASP A 54 -22.68 -16.97 21.06
C ASP A 54 -21.42 -17.81 21.24
N ASP A 55 -20.97 -18.47 20.18
CA ASP A 55 -19.72 -19.23 20.27
C ASP A 55 -19.15 -19.34 18.85
N ASP A 56 -18.28 -18.40 18.49
CA ASP A 56 -17.80 -18.30 17.12
C ASP A 56 -16.89 -19.48 16.77
N LEU A 57 -16.05 -19.93 17.69
CA LEU A 57 -15.21 -21.08 17.41
C LEU A 57 -16.03 -22.30 17.06
N ALA A 58 -17.13 -22.55 17.79
CA ALA A 58 -17.97 -23.71 17.48
C ALA A 58 -18.65 -23.57 16.11
N GLU A 59 -19.04 -22.35 15.74
CA GLU A 59 -19.60 -22.14 14.40
C GLU A 59 -18.55 -22.39 13.32
N VAL A 60 -17.30 -21.94 13.55
CA VAL A 60 -16.23 -22.25 12.60
C VAL A 60 -16.06 -23.75 12.45
N GLY A 61 -16.01 -24.48 13.56
CA GLY A 61 -15.88 -25.94 13.47
C GLY A 61 -17.06 -26.56 12.73
N ARG A 62 -18.28 -26.11 13.04
N ARG A 62 -18.28 -26.13 13.05
CA ARG A 62 -19.48 -26.66 12.41
CA ARG A 62 -19.47 -26.67 12.41
C ARG A 62 -19.51 -26.38 10.92
C ARG A 62 -19.49 -26.39 10.91
N LEU A 63 -19.16 -25.15 10.50
CA LEU A 63 -19.24 -24.82 9.08
C LEU A 63 -18.08 -25.38 8.29
N ALA A 64 -16.87 -25.34 8.85
CA ALA A 64 -15.65 -25.64 8.11
C ALA A 64 -14.96 -26.94 8.51
N GLY A 65 -15.43 -27.61 9.56
CA GLY A 65 -14.76 -28.81 10.01
C GLY A 65 -13.46 -28.59 10.73
N VAL A 66 -13.15 -27.37 11.14
CA VAL A 66 -11.89 -27.15 11.84
C VAL A 66 -12.00 -27.71 13.24
N THR A 67 -11.01 -28.51 13.64
CA THR A 67 -10.92 -28.89 15.05
C THR A 67 -9.80 -28.17 15.77
N GLN A 68 -8.85 -27.57 15.07
CA GLN A 68 -7.78 -26.78 15.69
C GLN A 68 -8.35 -25.41 16.05
N LEU A 69 -8.99 -25.34 17.21
CA LEU A 69 -9.76 -24.18 17.64
C LEU A 69 -9.28 -23.80 19.03
N ALA A 70 -9.09 -22.50 19.28
CA ALA A 70 -8.48 -22.10 20.54
C ALA A 70 -9.18 -20.84 21.02
N GLY A 71 -9.71 -20.88 22.24
CA GLY A 71 -10.27 -19.72 22.87
C GLY A 71 -9.45 -19.28 24.07
N LEU A 72 -9.96 -18.25 24.73
CA LEU A 72 -9.28 -17.74 25.92
C LEU A 72 -10.31 -17.16 26.87
N ALA A 73 -10.74 -15.93 26.63
CA ALA A 73 -11.72 -15.29 27.49
C ALA A 73 -13.13 -15.50 26.94
N ARG A 74 -14.08 -15.74 27.85
CA ARG A 74 -15.50 -15.87 27.52
C ARG A 74 -16.30 -15.11 28.57
N TYR A 75 -17.22 -14.25 28.10
CA TYR A 75 -18.06 -13.42 28.95
C TYR A 75 -19.53 -13.57 28.56
N PRO A 76 -20.42 -13.61 29.54
CA PRO A 76 -21.83 -13.92 29.26
C PRO A 76 -22.56 -12.89 28.39
N GLN A 77 -22.44 -11.60 28.72
CA GLN A 77 -23.32 -10.61 28.13
C GLN A 77 -22.85 -10.26 26.71
N PRO A 78 -23.79 -10.05 25.78
CA PRO A 78 -23.47 -9.71 24.38
C PRO A 78 -23.18 -8.22 24.23
N MET A 79 -22.05 -7.81 24.79
CA MET A 79 -21.59 -6.43 24.81
C MET A 79 -20.12 -6.41 24.39
N ALA A 80 -19.58 -5.20 24.30
CA ALA A 80 -18.14 -5.06 24.13
C ALA A 80 -17.43 -5.75 25.30
N PRO A 81 -16.24 -6.33 25.06
CA PRO A 81 -15.57 -7.10 26.13
C PRO A 81 -15.43 -6.38 27.43
N ALA A 82 -15.05 -5.09 27.44
CA ALA A 82 -14.80 -4.40 28.70
C ALA A 82 -16.07 -4.32 29.54
N ALA A 83 -17.20 -4.00 28.90
CA ALA A 83 -18.48 -3.94 29.59
C ALA A 83 -18.97 -5.33 29.95
N ALA A 84 -18.77 -6.30 29.06
CA ALA A 84 -19.19 -7.65 29.39
C ALA A 84 -18.40 -8.18 30.57
N ALA A 85 -17.09 -7.92 30.61
CA ALA A 85 -16.28 -8.36 31.74
C ALA A 85 -16.68 -7.64 33.03
N GLU A 86 -16.97 -6.34 32.94
CA GLU A 86 -17.38 -5.60 34.12
C GLU A 86 -18.69 -6.13 34.67
N HIS A 87 -19.66 -6.36 33.78
CA HIS A 87 -20.96 -6.87 34.20
C HIS A 87 -20.85 -8.22 34.89
N ALA A 88 -19.87 -9.05 34.51
CA ALA A 88 -19.70 -10.36 35.12
C ALA A 88 -18.74 -10.34 36.31
N GLY A 89 -18.28 -9.17 36.74
CA GLY A 89 -17.31 -9.15 37.81
C GLY A 89 -15.98 -9.77 37.44
N MET A 90 -15.58 -9.72 36.17
CA MET A 90 -14.34 -10.35 35.73
C MET A 90 -13.41 -9.30 35.13
N ALA A 91 -12.20 -9.74 34.83
CA ALA A 91 -11.20 -8.91 34.18
C ALA A 91 -11.02 -9.35 32.72
N LEU A 92 -10.55 -8.41 31.90
CA LEU A 92 -10.04 -8.75 30.58
C LEU A 92 -8.75 -9.53 30.70
N PRO A 93 -8.40 -10.31 29.67
CA PRO A 93 -7.09 -10.98 29.69
C PRO A 93 -5.97 -9.95 29.62
N ALA A 94 -4.79 -10.38 30.06
CA ALA A 94 -3.57 -9.60 29.86
C ALA A 94 -3.09 -9.73 28.43
N ARG A 95 -2.31 -8.76 27.98
N ARG A 95 -2.29 -8.76 27.98
CA ARG A 95 -1.78 -8.78 26.62
CA ARG A 95 -1.80 -8.79 26.60
C ARG A 95 -1.06 -10.08 26.32
C ARG A 95 -1.05 -10.08 26.30
N ASP A 96 -0.17 -10.52 27.20
CA ASP A 96 0.63 -11.70 26.89
C ASP A 96 -0.21 -12.96 26.90
N GLN A 97 -1.36 -12.99 27.58
CA GLN A 97 -2.21 -14.17 27.46
C GLN A 97 -2.77 -14.30 26.03
N ILE A 98 -3.12 -13.18 25.40
CA ILE A 98 -3.56 -13.22 24.00
C ILE A 98 -2.39 -13.60 23.09
N VAL A 99 -1.25 -12.92 23.26
CA VAL A 99 -0.11 -13.18 22.39
C VAL A 99 0.38 -14.61 22.53
N ARG A 100 0.49 -15.12 23.76
CA ARG A 100 0.97 -16.50 23.93
C ARG A 100 0.02 -17.50 23.30
N LEU A 101 -1.28 -17.25 23.40
CA LEU A 101 -2.26 -18.13 22.76
C LEU A 101 -1.98 -18.24 21.27
N ILE A 102 -1.77 -17.09 20.62
CA ILE A 102 -1.47 -17.06 19.19
C ILE A 102 -0.11 -17.69 18.90
N ALA A 103 0.92 -17.25 19.62
CA ALA A 103 2.27 -17.79 19.44
C ALA A 103 2.30 -19.30 19.58
N ASP A 104 1.59 -19.86 20.55
CA ASP A 104 1.60 -21.30 20.72
C ASP A 104 0.99 -22.03 19.52
N LEU A 105 -0.03 -21.42 18.89
CA LEU A 105 -0.68 -22.02 17.71
C LEU A 105 0.18 -21.93 16.46
N ASP A 106 0.94 -20.85 16.33
CA ASP A 106 1.66 -20.54 15.11
C ASP A 106 2.78 -21.54 14.89
N ARG A 107 2.93 -21.99 13.65
CA ARG A 107 4.01 -22.90 13.30
C ARG A 107 4.16 -22.91 11.78
N PRO A 108 5.34 -23.30 11.28
CA PRO A 108 5.56 -23.32 9.83
C PRO A 108 4.52 -24.20 9.13
N GLY A 109 4.12 -23.77 7.94
CA GLY A 109 3.10 -24.45 7.16
C GLY A 109 1.68 -24.19 7.60
N ARG A 110 1.46 -23.46 8.69
CA ARG A 110 0.12 -23.28 9.22
C ARG A 110 -0.37 -21.86 9.00
N LEU A 111 -1.65 -21.74 8.64
CA LEU A 111 -2.35 -20.47 8.60
C LEU A 111 -3.14 -20.36 9.89
N THR A 112 -2.80 -19.38 10.72
CA THR A 112 -3.50 -19.13 11.97
C THR A 112 -4.34 -17.86 11.82
N LEU A 113 -5.66 -18.03 11.92
CA LEU A 113 -6.61 -16.92 11.83
C LEU A 113 -6.99 -16.50 13.24
N VAL A 114 -6.90 -15.20 13.52
CA VAL A 114 -7.23 -14.67 14.85
C VAL A 114 -8.46 -13.80 14.70
N GLU A 115 -9.60 -14.29 15.20
CA GLU A 115 -10.87 -13.59 15.01
C GLU A 115 -11.02 -12.53 16.09
N GLY A 116 -11.24 -11.29 15.67
CA GLY A 116 -11.43 -10.19 16.60
C GLY A 116 -12.80 -10.27 17.25
N ALA A 117 -13.00 -9.34 18.18
CA ALA A 117 -14.31 -9.10 18.77
C ALA A 117 -14.76 -7.73 18.33
N GLY A 118 -15.88 -7.66 17.60
CA GLY A 118 -16.29 -6.37 17.06
C GLY A 118 -15.24 -5.82 16.11
N GLY A 119 -15.13 -4.50 16.07
CA GLY A 119 -14.21 -3.83 15.17
C GLY A 119 -12.78 -3.72 15.68
N LEU A 120 -11.95 -3.02 14.89
CA LEU A 120 -10.50 -3.08 15.06
C LEU A 120 -10.05 -2.46 16.37
N LEU A 121 -10.66 -1.35 16.78
CA LEU A 121 -10.19 -0.66 17.99
C LEU A 121 -10.95 -1.04 19.25
N VAL A 122 -11.69 -2.16 19.24
CA VAL A 122 -12.31 -2.67 20.45
C VAL A 122 -11.24 -3.07 21.45
N GLU A 123 -11.39 -2.66 22.72
CA GLU A 123 -10.40 -3.05 23.72
C GLU A 123 -10.53 -4.53 24.05
N LEU A 124 -9.45 -5.30 23.87
CA LEU A 124 -9.42 -6.72 24.14
C LEU A 124 -8.69 -7.07 25.42
N ALA A 125 -7.75 -6.23 25.84
CA ALA A 125 -6.94 -6.50 27.02
C ALA A 125 -6.66 -5.20 27.72
N GLU A 126 -6.43 -5.28 29.03
CA GLU A 126 -6.05 -4.11 29.81
C GLU A 126 -4.57 -3.79 29.60
N PRO A 127 -4.22 -2.53 29.38
CA PRO A 127 -5.12 -1.36 29.27
C PRO A 127 -5.22 -0.73 27.87
N GLY A 128 -6.40 -0.80 27.25
CA GLY A 128 -6.55 -0.22 25.93
C GLY A 128 -5.86 -0.99 24.82
N VAL A 129 -5.52 -2.25 25.07
CA VAL A 129 -4.90 -3.10 24.06
C VAL A 129 -5.97 -3.59 23.09
N THR A 130 -5.73 -3.39 21.80
CA THR A 130 -6.69 -3.75 20.76
C THR A 130 -6.11 -4.85 19.86
N LEU A 131 -6.94 -5.30 18.91
CA LEU A 131 -6.46 -6.28 17.95
C LEU A 131 -5.35 -5.69 17.08
N ARG A 132 -5.38 -4.38 16.86
CA ARG A 132 -4.30 -3.74 16.10
C ARG A 132 -2.96 -3.90 16.80
N ASP A 133 -2.94 -3.66 18.13
CA ASP A 133 -1.71 -3.89 18.91
C ASP A 133 -1.27 -5.35 18.82
N VAL A 134 -2.21 -6.28 18.98
CA VAL A 134 -1.90 -7.69 18.90
C VAL A 134 -1.28 -8.00 17.53
N ALA A 135 -1.88 -7.46 16.47
CA ALA A 135 -1.34 -7.70 15.13
C ALA A 135 0.11 -7.21 15.05
N VAL A 136 0.40 -6.04 15.63
CA VAL A 136 1.79 -5.55 15.63
C VAL A 136 2.69 -6.54 16.33
N ASP A 137 2.27 -7.03 17.51
CA ASP A 137 3.11 -7.89 18.32
C ASP A 137 3.42 -9.23 17.65
N VAL A 138 2.49 -9.78 16.88
CA VAL A 138 2.73 -11.08 16.24
C VAL A 138 3.06 -10.94 14.76
N ALA A 139 3.29 -9.73 14.28
CA ALA A 139 3.61 -9.47 12.88
C ALA A 139 2.56 -10.03 11.91
N ALA A 140 1.29 -9.90 12.27
CA ALA A 140 0.21 -10.36 11.39
C ALA A 140 -0.28 -9.24 10.48
N ALA A 141 -0.70 -9.63 9.28
CA ALA A 141 -1.52 -8.78 8.45
C ALA A 141 -2.97 -8.90 8.90
N ALA A 142 -3.80 -7.96 8.42
CA ALA A 142 -5.21 -7.85 8.81
C ALA A 142 -6.08 -8.05 7.58
N LEU A 143 -6.96 -9.05 7.65
CA LEU A 143 -8.09 -9.19 6.74
C LEU A 143 -9.30 -8.44 7.30
N VAL A 144 -9.89 -7.54 6.51
CA VAL A 144 -10.97 -6.67 7.00
C VAL A 144 -12.30 -7.08 6.39
N VAL A 145 -13.23 -7.50 7.24
CA VAL A 145 -14.58 -7.88 6.81
C VAL A 145 -15.50 -6.64 6.80
N VAL A 146 -16.20 -6.44 5.67
CA VAL A 146 -17.01 -5.26 5.40
C VAL A 146 -18.39 -5.70 4.93
N THR A 147 -19.36 -4.78 5.01
CA THR A 147 -20.66 -4.94 4.38
C THR A 147 -20.67 -4.25 3.02
N ALA A 148 -21.75 -4.46 2.30
CA ALA A 148 -21.99 -3.79 1.03
C ALA A 148 -22.99 -2.66 1.16
N ASP A 149 -23.40 -2.34 2.37
CA ASP A 149 -24.50 -1.41 2.62
C ASP A 149 -23.98 0.01 2.78
N LEU A 150 -24.90 0.96 2.63
CA LEU A 150 -24.69 2.38 2.87
C LEU A 150 -23.87 2.62 4.13
N GLY A 151 -22.75 3.31 4.00
CA GLY A 151 -21.87 3.58 5.11
C GLY A 151 -20.60 2.76 5.13
N THR A 152 -20.51 1.71 4.31
CA THR A 152 -19.35 0.84 4.36
C THR A 152 -18.08 1.52 3.88
N LEU A 153 -18.17 2.47 2.94
CA LEU A 153 -16.96 3.07 2.41
C LEU A 153 -16.24 3.86 3.50
N ASN A 154 -16.98 4.73 4.20
CA ASN A 154 -16.41 5.47 5.32
C ASN A 154 -15.84 4.53 6.37
N HIS A 155 -16.60 3.51 6.78
CA HIS A 155 -16.11 2.59 7.80
C HIS A 155 -14.86 1.85 7.31
N THR A 156 -14.85 1.47 6.04
CA THR A 156 -13.69 0.75 5.55
C THR A 156 -12.48 1.66 5.51
N LYS A 157 -12.68 2.91 5.08
CA LYS A 157 -11.55 3.81 4.98
C LYS A 157 -11.00 4.14 6.36
N LEU A 158 -11.89 4.36 7.34
CA LEU A 158 -11.43 4.59 8.71
C LEU A 158 -10.60 3.43 9.23
N THR A 159 -11.03 2.20 8.93
CA THR A 159 -10.32 1.04 9.45
C THR A 159 -8.97 0.86 8.77
N LEU A 160 -8.92 1.08 7.45
CA LEU A 160 -7.64 0.95 6.75
C LEU A 160 -6.67 2.05 7.20
N GLU A 161 -7.17 3.26 7.44
CA GLU A 161 -6.29 4.31 7.93
C GLU A 161 -5.73 3.96 9.31
N ALA A 162 -6.53 3.34 10.16
CA ALA A 162 -6.03 2.93 11.47
C ALA A 162 -4.98 1.83 11.35
N LEU A 163 -5.20 0.86 10.45
CA LEU A 163 -4.18 -0.18 10.26
C LEU A 163 -2.85 0.43 9.77
N ALA A 164 -2.93 1.32 8.79
CA ALA A 164 -1.74 1.97 8.23
C ALA A 164 -1.02 2.84 9.25
N ALA A 165 -1.75 3.42 10.19
CA ALA A 165 -1.14 4.24 11.23
C ALA A 165 -0.16 3.44 12.09
N GLN A 166 -0.33 2.12 12.20
CA GLN A 166 0.59 1.28 12.94
C GLN A 166 1.34 0.31 12.04
N GLN A 167 1.35 0.58 10.73
N GLN A 167 1.33 0.58 10.74
CA GLN A 167 2.06 -0.23 9.75
CA GLN A 167 2.05 -0.24 9.78
C GLN A 167 1.60 -1.68 9.74
C GLN A 167 1.63 -1.71 9.90
N VAL A 168 0.33 -1.92 10.07
CA VAL A 168 -0.26 -3.26 9.95
C VAL A 168 -0.73 -3.40 8.51
N SER A 169 -0.16 -4.37 7.80
CA SER A 169 -0.51 -4.56 6.40
C SER A 169 -1.95 -5.05 6.27
N CYS A 170 -2.65 -4.57 5.25
CA CYS A 170 -4.01 -5.01 4.99
C CYS A 170 -3.97 -6.13 3.96
N ALA A 171 -4.37 -7.32 4.38
CA ALA A 171 -4.41 -8.50 3.51
C ALA A 171 -5.52 -8.42 2.46
N GLY A 172 -6.41 -7.43 2.57
CA GLY A 172 -7.52 -7.24 1.69
C GLY A 172 -8.84 -7.20 2.43
N LEU A 173 -9.90 -7.07 1.64
CA LEU A 173 -11.26 -6.96 2.14
C LEU A 173 -12.01 -8.25 1.80
N VAL A 174 -13.01 -8.56 2.63
CA VAL A 174 -14.00 -9.58 2.30
C VAL A 174 -15.38 -9.02 2.60
N ILE A 175 -16.27 -9.04 1.61
CA ILE A 175 -17.66 -8.66 1.84
C ILE A 175 -18.34 -9.85 2.53
N GLY A 176 -18.76 -9.66 3.77
CA GLY A 176 -19.27 -10.79 4.54
C GLY A 176 -20.60 -11.33 4.04
N SER A 177 -21.42 -10.48 3.41
CA SER A 177 -22.70 -10.96 2.89
C SER A 177 -23.05 -10.20 1.61
N TRP A 178 -23.15 -10.95 0.50
CA TRP A 178 -23.37 -10.38 -0.82
C TRP A 178 -24.73 -10.78 -1.33
N PRO A 179 -25.63 -9.84 -1.59
CA PRO A 179 -26.98 -10.21 -2.05
C PRO A 179 -26.99 -10.59 -3.51
N ASP A 180 -27.89 -11.51 -3.83
CA ASP A 180 -28.13 -11.95 -5.21
C ASP A 180 -29.63 -11.86 -5.47
N PRO A 181 -30.08 -10.91 -6.30
CA PRO A 181 -29.20 -10.00 -7.04
C PRO A 181 -28.76 -8.78 -6.21
N PRO A 182 -27.63 -8.19 -6.59
CA PRO A 182 -27.17 -6.97 -5.90
C PRO A 182 -27.93 -5.75 -6.41
N GLY A 183 -28.49 -4.99 -5.48
CA GLY A 183 -29.10 -3.74 -5.83
C GLY A 183 -28.08 -2.74 -6.36
N LEU A 184 -28.61 -1.58 -6.74
CA LEU A 184 -27.77 -0.49 -7.25
C LEU A 184 -26.74 -0.05 -6.22
N VAL A 185 -27.16 0.05 -4.96
CA VAL A 185 -26.27 0.55 -3.90
C VAL A 185 -25.16 -0.45 -3.63
N ALA A 186 -25.51 -1.72 -3.47
CA ALA A 186 -24.51 -2.75 -3.19
C ALA A 186 -23.56 -2.92 -4.36
N ALA A 187 -24.06 -2.86 -5.59
CA ALA A 187 -23.17 -2.94 -6.74
C ALA A 187 -22.22 -1.75 -6.77
N SER A 188 -22.72 -0.56 -6.46
CA SER A 188 -21.87 0.63 -6.48
C SER A 188 -20.83 0.58 -5.37
N ASN A 189 -21.21 0.05 -4.20
CA ASN A 189 -20.28 0.00 -3.09
C ASN A 189 -19.19 -1.04 -3.33
N ARG A 190 -19.53 -2.14 -4.00
CA ARG A 190 -18.50 -3.13 -4.30
C ARG A 190 -17.43 -2.58 -5.23
N SER A 191 -17.85 -1.80 -6.24
N SER A 191 -17.85 -1.80 -6.24
CA SER A 191 -16.90 -1.18 -7.15
CA SER A 191 -16.87 -1.19 -7.14
C SER A 191 -16.00 -0.21 -6.39
C SER A 191 -15.98 -0.22 -6.37
N ALA A 192 -16.60 0.64 -5.56
CA ALA A 192 -15.83 1.60 -4.77
C ALA A 192 -14.91 0.88 -3.79
N LEU A 193 -15.37 -0.22 -3.21
CA LEU A 193 -14.54 -0.98 -2.27
C LEU A 193 -13.29 -1.53 -2.95
N ALA A 194 -13.47 -2.08 -4.16
CA ALA A 194 -12.34 -2.64 -4.91
C ALA A 194 -11.32 -1.59 -5.32
N ARG A 195 -11.70 -0.31 -5.42
CA ARG A 195 -10.74 0.75 -5.70
C ARG A 195 -9.96 1.14 -4.46
N ILE A 196 -10.48 0.83 -3.27
CA ILE A 196 -9.80 1.09 -2.01
C ILE A 196 -8.78 0.00 -1.69
N ALA A 197 -9.12 -1.26 -1.94
CA ALA A 197 -8.24 -2.37 -1.60
C ALA A 197 -8.75 -3.60 -2.34
N MET A 198 -7.91 -4.63 -2.39
CA MET A 198 -8.29 -5.87 -3.05
C MET A 198 -9.45 -6.52 -2.30
N VAL A 199 -10.53 -6.82 -3.02
CA VAL A 199 -11.66 -7.55 -2.48
C VAL A 199 -11.41 -9.05 -2.69
N ARG A 200 -11.09 -9.76 -1.62
CA ARG A 200 -10.67 -11.16 -1.77
C ARG A 200 -11.84 -12.10 -2.01
N ALA A 201 -13.04 -11.72 -1.58
CA ALA A 201 -14.21 -12.58 -1.72
C ALA A 201 -15.42 -11.76 -1.33
N ALA A 202 -16.58 -12.23 -1.77
CA ALA A 202 -17.87 -11.66 -1.39
C ALA A 202 -18.79 -12.85 -1.12
N LEU A 203 -18.93 -13.21 0.14
CA LEU A 203 -19.64 -14.45 0.46
C LEU A 203 -21.13 -14.29 0.19
N PRO A 204 -21.77 -15.27 -0.46
CA PRO A 204 -23.20 -15.15 -0.73
C PRO A 204 -23.99 -15.02 0.57
N ALA A 205 -25.03 -14.20 0.53
CA ALA A 205 -25.91 -14.10 1.68
C ALA A 205 -26.47 -15.47 2.04
N GLY A 206 -26.58 -15.74 3.34
CA GLY A 206 -27.04 -17.02 3.83
C GLY A 206 -26.00 -18.12 3.91
N ALA A 207 -24.72 -17.82 3.59
CA ALA A 207 -23.68 -18.84 3.66
C ALA A 207 -23.69 -19.58 4.99
N ALA A 208 -23.97 -18.90 6.09
CA ALA A 208 -23.94 -19.56 7.39
C ALA A 208 -24.97 -20.68 7.53
N SER A 209 -25.91 -20.80 6.59
N SER A 209 -25.92 -20.79 6.59
CA SER A 209 -26.95 -21.82 6.65
CA SER A 209 -26.93 -21.83 6.66
C SER A 209 -26.68 -23.00 5.73
C SER A 209 -26.61 -23.05 5.82
N LEU A 210 -25.59 -22.98 4.97
CA LEU A 210 -25.24 -24.14 4.13
C LEU A 210 -24.68 -25.29 4.97
N ASP A 211 -24.93 -26.53 4.52
CA ASP A 211 -24.33 -27.68 5.17
C ASP A 211 -22.83 -27.75 4.82
N ALA A 212 -22.14 -28.73 5.42
CA ALA A 212 -20.69 -28.78 5.32
C ALA A 212 -20.23 -28.85 3.87
N GLY A 213 -20.92 -29.63 3.04
CA GLY A 213 -20.48 -29.80 1.67
C GLY A 213 -20.75 -28.57 0.83
N ASP A 214 -21.95 -28.00 0.95
CA ASP A 214 -22.25 -26.75 0.27
C ASP A 214 -21.33 -25.65 0.75
N PHE A 215 -21.09 -25.58 2.06
CA PHE A 215 -20.22 -24.53 2.57
C PHE A 215 -18.81 -24.69 2.04
N ALA A 216 -18.32 -25.92 1.95
CA ALA A 216 -16.97 -26.14 1.45
C ALA A 216 -16.87 -25.76 -0.02
N ALA A 217 -17.91 -26.07 -0.79
CA ALA A 217 -17.95 -25.70 -2.19
C ALA A 217 -18.04 -24.20 -2.35
N MET A 218 -18.89 -23.56 -1.54
CA MET A 218 -18.97 -22.11 -1.60
C MET A 218 -17.61 -21.49 -1.31
N SER A 219 -16.93 -22.00 -0.28
CA SER A 219 -15.66 -21.44 0.16
C SER A 219 -14.58 -21.59 -0.92
N ALA A 220 -14.53 -22.76 -1.56
CA ALA A 220 -13.50 -22.98 -2.58
C ALA A 220 -13.67 -22.04 -3.75
N ALA A 221 -14.91 -21.69 -4.08
CA ALA A 221 -15.18 -20.81 -5.21
C ALA A 221 -15.08 -19.33 -4.84
N ALA A 222 -15.10 -19.01 -3.54
CA ALA A 222 -15.24 -17.63 -3.12
C ALA A 222 -13.94 -16.85 -3.25
N PHE A 223 -12.81 -17.50 -3.00
CA PHE A 223 -11.49 -16.87 -3.05
C PHE A 223 -10.72 -17.31 -4.29
N ASP A 224 -9.85 -16.44 -4.76
CA ASP A 224 -8.85 -16.80 -5.75
C ASP A 224 -7.92 -17.87 -5.17
N ARG A 225 -7.91 -19.05 -5.79
CA ARG A 225 -7.08 -20.14 -5.28
C ARG A 225 -5.62 -19.73 -5.18
N ASN A 226 -5.12 -18.94 -6.12
CA ASN A 226 -3.72 -18.52 -6.06
C ASN A 226 -3.45 -17.63 -4.86
N TRP A 227 -4.42 -16.82 -4.46
CA TRP A 227 -4.24 -16.00 -3.27
C TRP A 227 -4.19 -16.88 -2.03
N VAL A 228 -5.17 -17.78 -1.89
CA VAL A 228 -5.21 -18.68 -0.73
C VAL A 228 -3.93 -19.49 -0.66
N ALA A 229 -3.55 -20.13 -1.77
CA ALA A 229 -2.33 -20.93 -1.77
C ALA A 229 -1.12 -20.10 -1.40
N GLY A 230 -1.07 -18.86 -1.86
CA GLY A 230 0.09 -18.04 -1.58
C GLY A 230 0.18 -17.51 -0.17
N LEU A 231 -0.87 -17.74 0.64
CA LEU A 231 -0.86 -17.22 2.01
C LEU A 231 0.18 -17.90 2.87
N VAL A 232 0.48 -19.16 2.59
CA VAL A 232 1.41 -19.93 3.41
C VAL A 232 2.45 -20.54 2.50
N GLY A 233 3.72 -20.28 2.79
CA GLY A 233 4.79 -20.96 2.09
C GLY A 233 4.93 -22.37 2.65
N GLY B 7 -13.85 36.82 11.25
CA GLY B 7 -14.51 35.53 11.26
C GLY B 7 -15.31 35.21 12.51
N GLY B 8 -16.17 34.19 12.41
CA GLY B 8 -16.89 33.65 13.55
C GLY B 8 -16.45 32.25 13.91
N THR B 9 -17.39 31.37 14.26
CA THR B 9 -17.07 29.99 14.62
C THR B 9 -17.68 29.04 13.61
N ILE B 10 -16.82 28.27 12.94
CA ILE B 10 -17.22 27.22 12.01
C ILE B 10 -17.04 25.87 12.70
N LEU B 11 -18.11 25.08 12.78
CA LEU B 11 -18.05 23.70 13.23
C LEU B 11 -18.49 22.80 12.09
N VAL B 12 -17.68 21.78 11.77
CA VAL B 12 -18.20 20.74 10.90
C VAL B 12 -18.92 19.73 11.80
N VAL B 13 -20.10 19.30 11.37
CA VAL B 13 -20.87 18.30 12.09
C VAL B 13 -20.79 17.03 11.26
N THR B 14 -20.09 16.03 11.76
CA THR B 14 -19.95 14.75 11.08
C THR B 14 -20.59 13.67 11.96
N GLY B 15 -20.65 12.45 11.43
CA GLY B 15 -21.21 11.33 12.15
C GLY B 15 -20.35 10.09 11.97
N THR B 16 -20.47 9.16 12.91
CA THR B 16 -19.73 7.93 12.76
C THR B 16 -20.26 7.07 11.61
N GLY B 17 -21.50 7.27 11.22
CA GLY B 17 -22.03 6.54 10.09
C GLY B 17 -23.19 7.28 9.47
N THR B 18 -23.96 6.55 8.68
CA THR B 18 -25.18 7.10 8.10
C THR B 18 -26.37 6.75 8.99
N GLY B 19 -27.34 7.67 9.04
CA GLY B 19 -28.53 7.46 9.85
C GLY B 19 -28.33 7.57 11.34
N VAL B 20 -27.30 8.30 11.78
CA VAL B 20 -27.03 8.48 13.20
C VAL B 20 -27.74 9.69 13.79
N GLY B 21 -28.40 10.49 12.95
CA GLY B 21 -29.06 11.70 13.40
C GLY B 21 -28.24 12.96 13.29
N LYS B 22 -27.36 13.05 12.29
CA LYS B 22 -26.61 14.28 12.05
C LYS B 22 -27.54 15.48 11.90
N THR B 23 -28.62 15.32 11.15
CA THR B 23 -29.42 16.50 10.82
C THR B 23 -30.21 16.99 12.04
N VAL B 24 -30.81 16.08 12.80
CA VAL B 24 -31.52 16.51 14.01
C VAL B 24 -30.55 17.12 14.99
N VAL B 25 -29.29 16.68 14.98
CA VAL B 25 -28.31 17.29 15.88
C VAL B 25 -27.93 18.68 15.41
N CYS B 26 -27.78 18.88 14.09
CA CYS B 26 -27.56 20.22 13.58
C CYS B 26 -28.70 21.15 13.98
N ALA B 27 -29.94 20.67 13.83
CA ALA B 27 -31.11 21.45 14.19
C ALA B 27 -31.12 21.77 15.69
N ALA B 28 -30.87 20.76 16.53
CA ALA B 28 -30.92 20.96 17.98
C ALA B 28 -29.86 21.94 18.43
N LEU B 29 -28.66 21.85 17.86
CA LEU B 29 -27.61 22.78 18.22
C LEU B 29 -27.91 24.17 17.68
N ALA B 30 -28.43 24.24 16.45
CA ALA B 30 -28.88 25.53 15.93
C ALA B 30 -29.93 26.13 16.86
N SER B 31 -30.96 25.36 17.21
CA SER B 31 -32.03 25.88 18.07
C SER B 31 -31.47 26.36 19.39
N ALA B 32 -30.67 25.52 20.05
CA ALA B 32 -30.04 25.90 21.31
C ALA B 32 -29.26 27.20 21.17
N ALA B 33 -28.46 27.31 20.11
CA ALA B 33 -27.59 28.47 19.97
C ALA B 33 -28.38 29.74 19.67
N ARG B 34 -29.45 29.63 18.88
CA ARG B 34 -30.32 30.79 18.65
C ARG B 34 -30.95 31.25 19.95
N GLN B 35 -31.52 30.31 20.73
CA GLN B 35 -32.09 30.65 22.01
C GLN B 35 -31.05 31.26 22.95
N ALA B 36 -29.77 30.99 22.73
CA ALA B 36 -28.70 31.66 23.44
C ALA B 36 -28.29 32.98 22.78
N GLY B 37 -29.07 33.45 21.81
CA GLY B 37 -28.80 34.72 21.15
C GLY B 37 -27.74 34.69 20.08
N ILE B 38 -27.32 33.51 19.61
CA ILE B 38 -26.29 33.40 18.59
C ILE B 38 -26.95 33.32 17.23
N ASP B 39 -26.39 34.04 16.25
CA ASP B 39 -26.80 33.92 14.86
C ASP B 39 -26.21 32.64 14.26
N VAL B 40 -27.04 31.89 13.54
CA VAL B 40 -26.66 30.56 13.06
C VAL B 40 -26.91 30.46 11.56
N ALA B 41 -25.90 29.96 10.84
CA ALA B 41 -26.05 29.51 9.47
C ALA B 41 -25.75 28.01 9.40
N VAL B 42 -26.36 27.32 8.46
CA VAL B 42 -26.08 25.89 8.26
C VAL B 42 -25.81 25.68 6.79
N CYS B 43 -24.67 25.04 6.49
CA CYS B 43 -24.26 24.68 5.15
C CYS B 43 -24.31 23.16 5.00
N LYS B 44 -25.09 22.67 4.04
CA LYS B 44 -25.09 21.28 3.60
C LYS B 44 -24.60 21.30 2.16
N PRO B 45 -23.29 21.26 1.93
CA PRO B 45 -22.81 21.44 0.54
C PRO B 45 -23.41 20.43 -0.41
N VAL B 46 -23.50 19.17 0.01
CA VAL B 46 -23.95 18.08 -0.85
C VAL B 46 -25.08 17.34 -0.16
N GLN B 47 -26.19 17.20 -0.87
CA GLN B 47 -27.37 16.49 -0.39
C GLN B 47 -27.67 15.39 -1.39
N THR B 48 -27.80 14.17 -0.90
CA THR B 48 -28.22 13.05 -1.72
C THR B 48 -29.57 12.54 -1.22
N GLY B 49 -30.11 11.56 -1.94
CA GLY B 49 -31.39 10.98 -1.61
C GLY B 49 -32.60 11.86 -1.83
N THR B 50 -32.55 12.75 -2.84
CA THR B 50 -33.65 13.70 -2.99
C THR B 50 -34.87 13.08 -3.63
N ALA B 51 -34.68 12.05 -4.47
CA ALA B 51 -35.82 11.43 -5.15
C ALA B 51 -36.86 10.94 -4.15
N ARG B 52 -36.42 10.47 -2.98
CA ARG B 52 -37.33 10.07 -1.91
C ARG B 52 -37.63 11.21 -0.95
N GLY B 53 -37.18 12.42 -1.24
CA GLY B 53 -37.57 13.57 -0.45
C GLY B 53 -36.63 14.01 0.66
N ASP B 54 -35.38 13.54 0.67
CA ASP B 54 -34.44 14.04 1.67
C ASP B 54 -34.07 15.48 1.38
N ASP B 55 -34.04 16.30 2.44
CA ASP B 55 -33.73 17.71 2.32
C ASP B 55 -33.38 18.18 3.73
N ASP B 56 -32.12 18.00 4.11
CA ASP B 56 -31.71 18.25 5.48
C ASP B 56 -31.81 19.72 5.85
N LEU B 57 -31.47 20.60 4.93
CA LEU B 57 -31.59 22.03 5.20
C LEU B 57 -33.03 22.42 5.52
N ALA B 58 -33.99 21.86 4.80
CA ALA B 58 -35.39 22.17 5.09
C ALA B 58 -35.78 21.72 6.48
N GLU B 59 -35.29 20.54 6.90
CA GLU B 59 -35.55 20.05 8.25
C GLU B 59 -34.96 20.98 9.30
N VAL B 60 -33.71 21.42 9.09
CA VAL B 60 -33.13 22.39 9.98
C VAL B 60 -33.96 23.67 10.02
N GLY B 61 -34.55 24.04 8.87
CA GLY B 61 -35.37 25.23 8.84
C GLY B 61 -36.63 25.06 9.68
N ARG B 62 -37.36 23.98 9.43
CA ARG B 62 -38.60 23.72 10.14
C ARG B 62 -38.37 23.59 11.65
N LEU B 63 -37.33 22.84 12.04
CA LEU B 63 -37.12 22.54 13.46
C LEU B 63 -36.48 23.68 14.24
N ALA B 64 -35.58 24.46 13.63
CA ALA B 64 -34.83 25.47 14.36
C ALA B 64 -35.03 26.90 13.86
N GLY B 65 -35.77 27.11 12.79
CA GLY B 65 -35.99 28.47 12.31
C GLY B 65 -34.81 29.15 11.64
N VAL B 66 -33.73 28.42 11.35
CA VAL B 66 -32.61 28.99 10.63
C VAL B 66 -33.05 29.37 9.22
N THR B 67 -32.58 30.53 8.74
CA THR B 67 -32.88 30.92 7.37
C THR B 67 -31.66 30.99 6.48
N GLN B 68 -30.48 31.18 7.04
CA GLN B 68 -29.26 31.11 6.25
C GLN B 68 -28.92 29.63 6.08
N LEU B 69 -29.47 29.04 5.03
CA LEU B 69 -29.37 27.63 4.71
C LEU B 69 -28.78 27.53 3.30
N ALA B 70 -27.50 27.15 3.21
CA ALA B 70 -26.74 27.15 1.98
C ALA B 70 -26.40 25.74 1.52
N GLY B 71 -26.56 25.48 0.23
CA GLY B 71 -26.18 24.19 -0.34
C GLY B 71 -25.71 24.39 -1.76
N LEU B 72 -25.00 23.38 -2.28
CA LEU B 72 -24.41 23.49 -3.61
C LEU B 72 -24.91 22.45 -4.60
N ALA B 73 -25.37 21.28 -4.14
CA ALA B 73 -25.66 20.19 -5.05
C ALA B 73 -26.66 19.23 -4.42
N ARG B 74 -27.48 18.62 -5.27
CA ARG B 74 -28.56 17.74 -4.84
C ARG B 74 -28.66 16.55 -5.79
N TYR B 75 -28.60 15.35 -5.24
CA TYR B 75 -28.55 14.15 -6.06
C TYR B 75 -29.72 13.23 -5.71
N PRO B 76 -30.43 12.69 -6.70
CA PRO B 76 -31.66 11.94 -6.37
C PRO B 76 -31.40 10.65 -5.63
N GLN B 77 -30.33 9.94 -5.97
CA GLN B 77 -30.13 8.59 -5.45
C GLN B 77 -29.75 8.62 -3.97
N PRO B 78 -30.36 7.78 -3.14
CA PRO B 78 -29.96 7.68 -1.72
C PRO B 78 -28.66 6.93 -1.52
N MET B 79 -27.56 7.55 -1.97
CA MET B 79 -26.24 6.93 -1.98
C MET B 79 -25.20 7.94 -1.53
N ALA B 80 -23.98 7.46 -1.32
CA ALA B 80 -22.85 8.36 -1.07
C ALA B 80 -22.68 9.31 -2.27
N PRO B 81 -22.25 10.56 -2.02
CA PRO B 81 -22.24 11.56 -3.12
C PRO B 81 -21.53 11.07 -4.37
N ALA B 82 -20.28 10.60 -4.20
CA ALA B 82 -19.53 10.10 -5.35
C ALA B 82 -20.34 9.06 -6.11
N ALA B 83 -21.00 8.15 -5.37
CA ALA B 83 -21.81 7.12 -6.01
C ALA B 83 -23.06 7.71 -6.65
N ALA B 84 -23.71 8.65 -5.96
CA ALA B 84 -24.88 9.29 -6.53
C ALA B 84 -24.50 10.13 -7.74
N ALA B 85 -23.32 10.75 -7.70
CA ALA B 85 -22.90 11.59 -8.81
C ALA B 85 -22.48 10.76 -10.01
N GLU B 86 -21.92 9.55 -9.79
CA GLU B 86 -21.62 8.66 -10.91
C GLU B 86 -22.90 8.15 -11.56
N HIS B 87 -23.87 7.71 -10.75
CA HIS B 87 -25.13 7.23 -11.33
C HIS B 87 -25.80 8.32 -12.14
N ALA B 88 -25.76 9.56 -11.64
CA ALA B 88 -26.36 10.69 -12.34
C ALA B 88 -25.56 11.10 -13.57
N GLY B 89 -24.28 10.73 -13.62
CA GLY B 89 -23.43 11.13 -14.72
C GLY B 89 -22.95 12.56 -14.64
N MET B 90 -22.74 13.08 -13.43
CA MET B 90 -22.37 14.46 -13.22
C MET B 90 -21.42 14.53 -12.04
N ALA B 91 -20.43 15.42 -12.12
CA ALA B 91 -19.41 15.48 -11.10
C ALA B 91 -19.95 16.09 -9.82
N LEU B 92 -19.16 15.97 -8.76
CA LEU B 92 -19.41 16.66 -7.50
C LEU B 92 -18.95 18.10 -7.63
N PRO B 93 -19.31 18.97 -6.67
CA PRO B 93 -18.77 20.33 -6.69
C PRO B 93 -17.26 20.33 -6.52
N ALA B 94 -16.67 21.49 -6.79
CA ALA B 94 -15.24 21.68 -6.62
C ALA B 94 -14.90 21.95 -5.16
N ARG B 95 -13.76 21.42 -4.70
CA ARG B 95 -13.23 21.81 -3.39
C ARG B 95 -13.33 23.31 -3.18
N ASP B 96 -12.90 24.08 -4.19
CA ASP B 96 -12.99 25.54 -4.17
C ASP B 96 -14.38 26.03 -3.78
N GLN B 97 -15.41 25.51 -4.45
CA GLN B 97 -16.77 25.98 -4.18
C GLN B 97 -17.13 25.78 -2.72
N ILE B 98 -16.83 24.60 -2.17
CA ILE B 98 -17.25 24.30 -0.80
C ILE B 98 -16.56 25.22 0.18
N VAL B 99 -15.23 25.28 0.09
CA VAL B 99 -14.46 26.07 1.02
C VAL B 99 -14.86 27.56 0.95
N ARG B 100 -15.10 28.06 -0.27
CA ARG B 100 -15.42 29.48 -0.35
C ARG B 100 -16.86 29.80 0.05
N LEU B 101 -17.81 28.89 -0.22
CA LEU B 101 -19.16 29.08 0.30
C LEU B 101 -19.15 29.17 1.81
N ILE B 102 -18.42 28.26 2.46
CA ILE B 102 -18.34 28.24 3.92
C ILE B 102 -17.67 29.50 4.44
N ALA B 103 -16.57 29.90 3.81
CA ALA B 103 -15.86 31.10 4.24
C ALA B 103 -16.73 32.35 4.15
N ASP B 104 -17.60 32.42 3.12
CA ASP B 104 -18.48 33.58 2.96
C ASP B 104 -19.68 33.54 3.89
N LEU B 105 -20.07 32.36 4.37
CA LEU B 105 -21.10 32.29 5.38
C LEU B 105 -20.61 32.81 6.70
N ASP B 106 -19.31 32.67 6.96
CA ASP B 106 -18.79 32.88 8.29
C ASP B 106 -18.59 34.35 8.58
N ARG B 107 -19.14 34.82 9.68
CA ARG B 107 -18.97 36.21 10.10
C ARG B 107 -18.85 36.28 11.62
N PRO B 108 -18.30 37.38 12.13
CA PRO B 108 -18.25 37.55 13.60
C PRO B 108 -19.63 37.43 14.22
N GLY B 109 -19.67 36.79 15.40
CA GLY B 109 -20.89 36.58 16.14
C GLY B 109 -21.80 35.48 15.64
N ARG B 110 -21.37 34.71 14.63
CA ARG B 110 -22.21 33.70 14.00
C ARG B 110 -21.62 32.31 14.15
N LEU B 111 -22.46 31.35 14.51
CA LEU B 111 -22.09 29.94 14.50
C LEU B 111 -22.50 29.36 13.16
N THR B 112 -21.52 28.93 12.37
CA THR B 112 -21.77 28.31 11.07
C THR B 112 -21.52 26.81 11.17
N LEU B 113 -22.57 26.03 10.97
CA LEU B 113 -22.46 24.57 11.04
C LEU B 113 -22.37 24.02 9.62
N VAL B 114 -21.42 23.13 9.38
CA VAL B 114 -21.22 22.51 8.07
C VAL B 114 -21.56 21.03 8.19
N GLU B 115 -22.68 20.61 7.62
CA GLU B 115 -23.14 19.24 7.76
C GLU B 115 -22.59 18.39 6.63
N GLY B 116 -21.85 17.35 6.98
CA GLY B 116 -21.41 16.41 6.00
C GLY B 116 -22.55 15.58 5.47
N ALA B 117 -22.18 14.66 4.60
CA ALA B 117 -23.06 13.61 4.12
C ALA B 117 -22.44 12.30 4.56
N GLY B 118 -23.20 11.51 5.35
CA GLY B 118 -22.64 10.32 5.97
C GLY B 118 -21.49 10.65 6.90
N GLY B 119 -20.43 9.83 6.82
CA GLY B 119 -19.32 9.91 7.73
C GLY B 119 -18.17 10.76 7.21
N LEU B 120 -17.11 10.80 8.02
CA LEU B 120 -16.05 11.78 7.89
C LEU B 120 -15.23 11.61 6.61
N LEU B 121 -15.06 10.38 6.14
CA LEU B 121 -14.23 10.18 4.96
C LEU B 121 -15.03 9.95 3.67
N VAL B 122 -16.30 10.37 3.61
CA VAL B 122 -16.99 10.21 2.33
C VAL B 122 -16.55 11.37 1.43
N GLU B 123 -16.36 11.08 0.14
CA GLU B 123 -15.88 12.07 -0.82
C GLU B 123 -16.97 13.10 -1.02
N LEU B 124 -16.63 14.37 -0.78
CA LEU B 124 -17.58 15.46 -0.93
C LEU B 124 -17.34 16.29 -2.18
N ALA B 125 -16.08 16.44 -2.58
CA ALA B 125 -15.71 17.22 -3.75
C ALA B 125 -14.64 16.47 -4.54
N GLU B 126 -14.49 16.85 -5.82
CA GLU B 126 -13.47 16.27 -6.69
C GLU B 126 -12.11 16.89 -6.39
N PRO B 127 -11.02 16.13 -6.45
CA PRO B 127 -10.96 14.67 -6.49
C PRO B 127 -10.71 14.10 -5.11
N GLY B 128 -11.68 13.34 -4.62
CA GLY B 128 -11.49 12.66 -3.35
C GLY B 128 -11.37 13.55 -2.13
N VAL B 129 -11.89 14.77 -2.15
CA VAL B 129 -11.74 15.62 -0.98
C VAL B 129 -12.93 15.39 -0.06
N THR B 130 -12.64 15.28 1.23
CA THR B 130 -13.59 14.85 2.26
C THR B 130 -13.93 16.02 3.16
N LEU B 131 -14.90 15.81 4.04
CA LEU B 131 -15.20 16.81 5.07
C LEU B 131 -14.00 17.06 5.97
N ARG B 132 -13.12 16.05 6.12
CA ARG B 132 -11.92 16.27 6.93
C ARG B 132 -11.01 17.29 6.26
N ASP B 133 -10.84 17.17 4.95
CA ASP B 133 -10.07 18.15 4.20
C ASP B 133 -10.66 19.54 4.34
N VAL B 134 -11.99 19.64 4.27
CA VAL B 134 -12.66 20.93 4.35
C VAL B 134 -12.46 21.56 5.73
N ALA B 135 -12.55 20.75 6.78
CA ALA B 135 -12.35 21.26 8.13
C ALA B 135 -10.95 21.84 8.30
N VAL B 136 -9.95 21.19 7.71
CA VAL B 136 -8.61 21.76 7.72
C VAL B 136 -8.61 23.12 7.04
N ASP B 137 -9.11 23.17 5.81
CA ASP B 137 -9.08 24.40 5.01
C ASP B 137 -9.74 25.57 5.72
N VAL B 138 -10.84 25.34 6.43
CA VAL B 138 -11.54 26.45 7.08
C VAL B 138 -11.24 26.52 8.58
N ALA B 139 -10.28 25.74 9.07
CA ALA B 139 -9.91 25.72 10.48
C ALA B 139 -11.12 25.50 11.39
N ALA B 140 -11.98 24.56 11.01
CA ALA B 140 -13.13 24.22 11.82
C ALA B 140 -12.79 23.06 12.75
N ALA B 141 -13.36 23.08 13.95
CA ALA B 141 -13.41 21.88 14.77
C ALA B 141 -14.53 20.99 14.27
N ALA B 142 -14.55 19.76 14.76
CA ALA B 142 -15.52 18.75 14.34
C ALA B 142 -16.34 18.26 15.51
N LEU B 143 -17.66 18.35 15.39
CA LEU B 143 -18.62 17.73 16.30
C LEU B 143 -19.03 16.38 15.72
N VAL B 144 -18.95 15.32 16.52
CA VAL B 144 -19.17 13.98 16.02
C VAL B 144 -20.47 13.42 16.60
N VAL B 145 -21.42 13.13 15.72
CA VAL B 145 -22.69 12.51 16.08
C VAL B 145 -22.50 11.00 16.12
N VAL B 146 -22.93 10.37 17.21
CA VAL B 146 -22.70 8.95 17.45
C VAL B 146 -24.01 8.30 17.85
N THR B 147 -24.01 6.98 17.83
CA THR B 147 -25.12 6.22 18.41
C THR B 147 -24.72 5.76 19.81
N ALA B 148 -25.73 5.31 20.55
CA ALA B 148 -25.48 4.62 21.81
C ALA B 148 -25.51 3.11 21.62
N ASP B 149 -25.55 2.64 20.38
CA ASP B 149 -25.77 1.24 20.08
C ASP B 149 -24.45 0.47 20.05
N LEU B 150 -24.60 -0.86 20.13
CA LEU B 150 -23.48 -1.78 20.01
C LEU B 150 -22.61 -1.43 18.80
N GLY B 151 -21.30 -1.32 19.03
CA GLY B 151 -20.37 -0.94 17.99
C GLY B 151 -19.95 0.52 18.01
N THR B 152 -20.65 1.38 18.74
CA THR B 152 -20.36 2.81 18.65
C THR B 152 -18.96 3.17 19.14
N LEU B 153 -18.42 2.44 20.13
CA LEU B 153 -17.11 2.83 20.67
C LEU B 153 -16.00 2.71 19.63
N ASN B 154 -16.00 1.62 18.87
CA ASN B 154 -15.01 1.44 17.81
C ASN B 154 -15.14 2.54 16.76
N HIS B 155 -16.37 2.76 16.24
CA HIS B 155 -16.58 3.77 15.21
C HIS B 155 -16.17 5.15 15.71
N THR B 156 -16.48 5.47 16.97
CA THR B 156 -16.11 6.75 17.54
C THR B 156 -14.60 6.88 17.65
N LYS B 157 -13.94 5.84 18.18
CA LYS B 157 -12.48 5.89 18.31
C LYS B 157 -11.81 6.03 16.95
N LEU B 158 -12.32 5.30 15.94
CA LEU B 158 -11.79 5.42 14.57
C LEU B 158 -11.96 6.82 14.02
N THR B 159 -13.12 7.43 14.24
CA THR B 159 -13.34 8.78 13.73
C THR B 159 -12.43 9.77 14.44
N LEU B 160 -12.27 9.64 15.76
CA LEU B 160 -11.39 10.54 16.50
C LEU B 160 -9.94 10.40 16.08
N GLU B 161 -9.49 9.16 15.80
CA GLU B 161 -8.14 9.00 15.28
C GLU B 161 -7.98 9.70 13.94
N ALA B 162 -8.98 9.56 13.07
CA ALA B 162 -8.89 10.16 11.76
C ALA B 162 -8.87 11.68 11.84
N LEU B 163 -9.67 12.27 12.76
CA LEU B 163 -9.61 13.71 13.01
C LEU B 163 -8.23 14.13 13.48
N ALA B 164 -7.69 13.45 14.51
CA ALA B 164 -6.40 13.86 15.07
C ALA B 164 -5.27 13.66 14.08
N ALA B 165 -5.40 12.69 13.15
CA ALA B 165 -4.34 12.47 12.17
C ALA B 165 -4.06 13.70 11.32
N GLN B 166 -5.08 14.54 11.08
CA GLN B 166 -4.92 15.78 10.33
C GLN B 166 -5.08 17.02 11.20
N GLN B 167 -4.97 16.85 12.53
CA GLN B 167 -4.98 17.95 13.49
C GLN B 167 -6.28 18.74 13.42
N VAL B 168 -7.40 18.04 13.28
CA VAL B 168 -8.73 18.64 13.38
C VAL B 168 -9.21 18.40 14.82
N SER B 169 -9.42 19.48 15.56
CA SER B 169 -9.88 19.36 16.92
C SER B 169 -11.28 18.76 16.98
N CYS B 170 -11.54 17.98 18.02
CA CYS B 170 -12.86 17.40 18.26
C CYS B 170 -13.63 18.25 19.26
N ALA B 171 -14.80 18.74 18.87
CA ALA B 171 -15.59 19.61 19.74
C ALA B 171 -16.47 18.82 20.69
N GLY B 172 -16.48 17.50 20.59
CA GLY B 172 -17.29 16.66 21.46
C GLY B 172 -18.14 15.70 20.66
N LEU B 173 -18.93 14.91 21.40
CA LEU B 173 -19.86 13.96 20.84
C LEU B 173 -21.29 14.37 21.15
N VAL B 174 -22.21 13.99 20.27
CA VAL B 174 -23.63 14.04 20.57
C VAL B 174 -24.22 12.69 20.20
N ILE B 175 -24.90 12.06 21.15
CA ILE B 175 -25.69 10.87 20.85
C ILE B 175 -26.97 11.33 20.14
N GLY B 176 -27.10 10.97 18.86
CA GLY B 176 -28.21 11.47 18.06
C GLY B 176 -29.57 10.97 18.48
N SER B 177 -29.62 9.81 19.12
CA SER B 177 -30.89 9.26 19.55
C SER B 177 -30.66 8.46 20.82
N TRP B 178 -31.26 8.93 21.91
CA TRP B 178 -31.17 8.24 23.18
C TRP B 178 -32.45 7.45 23.39
N PRO B 179 -32.38 6.14 23.55
CA PRO B 179 -33.60 5.33 23.56
C PRO B 179 -34.29 5.36 24.92
N ASP B 180 -35.55 4.94 24.91
CA ASP B 180 -36.29 4.85 26.16
C ASP B 180 -37.06 3.54 26.22
N PRO B 181 -36.84 2.72 27.25
CA PRO B 181 -35.80 2.96 28.26
C PRO B 181 -34.41 2.68 27.65
N PRO B 182 -33.33 3.14 28.28
CA PRO B 182 -32.01 3.04 27.64
C PRO B 182 -31.63 1.62 27.25
N GLY B 183 -31.62 0.71 28.20
CA GLY B 183 -31.07 -0.58 27.91
C GLY B 183 -29.63 -0.70 28.39
N LEU B 184 -29.21 -1.94 28.62
CA LEU B 184 -27.92 -2.20 29.23
C LEU B 184 -26.78 -1.68 28.35
N VAL B 185 -26.86 -1.97 27.06
CA VAL B 185 -25.77 -1.57 26.16
C VAL B 185 -25.68 -0.06 26.09
N ALA B 186 -26.82 0.62 25.90
CA ALA B 186 -26.85 2.05 25.73
C ALA B 186 -26.31 2.77 26.95
N ALA B 187 -26.72 2.32 28.15
CA ALA B 187 -26.20 2.90 29.38
C ALA B 187 -24.70 2.70 29.48
N SER B 188 -24.23 1.48 29.16
CA SER B 188 -22.79 1.25 29.21
C SER B 188 -22.05 2.14 28.21
N ASN B 189 -22.58 2.25 26.99
CA ASN B 189 -21.88 3.01 25.96
C ASN B 189 -21.82 4.50 26.31
N ARG B 190 -22.89 5.04 26.89
CA ARG B 190 -22.85 6.45 27.24
C ARG B 190 -21.72 6.76 28.21
N SER B 191 -21.53 5.90 29.22
N SER B 191 -21.53 5.88 29.22
CA SER B 191 -20.44 6.11 30.17
CA SER B 191 -20.46 6.10 30.18
C SER B 191 -19.08 5.97 29.49
C SER B 191 -19.09 5.94 29.52
N ALA B 192 -18.93 4.96 28.63
CA ALA B 192 -17.65 4.75 27.96
C ALA B 192 -17.35 5.88 26.98
N LEU B 193 -18.35 6.32 26.21
CA LEU B 193 -18.14 7.45 25.30
C LEU B 193 -17.62 8.67 26.05
N ALA B 194 -18.14 8.90 27.27
CA ALA B 194 -17.72 10.07 28.03
C ALA B 194 -16.26 9.95 28.48
N ARG B 195 -15.74 8.72 28.61
CA ARG B 195 -14.32 8.55 28.86
C ARG B 195 -13.46 8.92 27.65
N ILE B 196 -14.01 8.83 26.43
CA ILE B 196 -13.19 9.16 25.26
C ILE B 196 -13.29 10.63 24.88
N ALA B 197 -14.41 11.29 25.13
CA ALA B 197 -14.58 12.68 24.73
C ALA B 197 -15.75 13.26 25.50
N MET B 198 -15.91 14.58 25.41
CA MET B 198 -17.03 15.24 26.05
C MET B 198 -18.32 14.92 25.32
N VAL B 199 -19.31 14.37 26.02
CA VAL B 199 -20.63 14.12 25.48
C VAL B 199 -21.47 15.39 25.68
N ARG B 200 -21.72 16.12 24.59
CA ARG B 200 -22.42 17.40 24.69
C ARG B 200 -23.93 17.22 24.88
N ALA B 201 -24.51 16.12 24.40
CA ALA B 201 -25.95 15.95 24.53
C ALA B 201 -26.32 14.53 24.14
N ALA B 202 -27.52 14.14 24.55
CA ALA B 202 -28.08 12.86 24.12
C ALA B 202 -29.54 13.15 23.79
N LEU B 203 -29.86 13.11 22.54
CA LEU B 203 -31.17 13.60 22.13
C LEU B 203 -32.20 12.48 22.26
N PRO B 204 -33.32 12.75 22.91
CA PRO B 204 -34.36 11.74 23.04
C PRO B 204 -34.76 11.18 21.68
N ALA B 205 -34.82 9.86 21.61
CA ALA B 205 -35.42 9.21 20.46
C ALA B 205 -36.80 9.80 20.16
N GLY B 206 -37.09 10.00 18.87
CA GLY B 206 -38.34 10.60 18.44
C GLY B 206 -38.33 12.11 18.38
N ALA B 207 -37.22 12.76 18.72
CA ALA B 207 -37.18 14.22 18.77
C ALA B 207 -37.39 14.84 17.39
N ALA B 208 -37.05 14.13 16.32
CA ALA B 208 -37.21 14.66 14.97
C ALA B 208 -38.68 14.81 14.55
N SER B 209 -39.61 14.22 15.30
CA SER B 209 -41.04 14.36 15.00
C SER B 209 -41.72 15.46 15.80
N LEU B 210 -40.98 16.22 16.60
CA LEU B 210 -41.59 17.28 17.39
C LEU B 210 -41.96 18.46 16.51
N ASP B 211 -42.95 19.24 16.96
CA ASP B 211 -43.18 20.54 16.34
C ASP B 211 -42.11 21.51 16.81
N ALA B 212 -42.07 22.68 16.17
CA ALA B 212 -40.97 23.61 16.41
C ALA B 212 -40.92 24.05 17.86
N GLY B 213 -42.08 24.21 18.49
CA GLY B 213 -42.09 24.64 19.88
C GLY B 213 -41.52 23.60 20.81
N ASP B 214 -41.99 22.36 20.67
CA ASP B 214 -41.47 21.29 21.52
C ASP B 214 -40.00 21.03 21.23
N PHE B 215 -39.62 21.03 19.94
CA PHE B 215 -38.21 20.82 19.58
C PHE B 215 -37.33 21.92 20.18
N ALA B 216 -37.84 23.14 20.23
CA ALA B 216 -37.01 24.23 20.76
C ALA B 216 -36.80 24.07 22.26
N ALA B 217 -37.81 23.58 22.99
CA ALA B 217 -37.64 23.35 24.41
C ALA B 217 -36.72 22.16 24.66
N MET B 218 -36.92 21.07 23.91
CA MET B 218 -36.02 19.93 23.99
C MET B 218 -34.59 20.36 23.79
N SER B 219 -34.34 21.15 22.73
CA SER B 219 -32.96 21.52 22.41
C SER B 219 -32.35 22.39 23.49
N ALA B 220 -33.13 23.28 24.08
CA ALA B 220 -32.57 24.15 25.12
C ALA B 220 -32.12 23.33 26.33
N ALA B 221 -32.89 22.31 26.69
CA ALA B 221 -32.52 21.44 27.81
C ALA B 221 -31.43 20.43 27.44
N ALA B 222 -31.22 20.17 26.14
CA ALA B 222 -30.34 19.07 25.72
C ALA B 222 -28.87 19.42 25.90
N PHE B 223 -28.51 20.67 25.65
CA PHE B 223 -27.12 21.09 25.70
C PHE B 223 -26.85 21.92 26.95
N ASP B 224 -25.58 21.95 27.35
CA ASP B 224 -25.14 22.84 28.41
C ASP B 224 -25.15 24.28 27.90
N ARG B 225 -25.90 25.14 28.57
CA ARG B 225 -26.06 26.52 28.11
C ARG B 225 -24.72 27.24 28.04
N ASN B 226 -23.84 27.02 29.01
CA ASN B 226 -22.56 27.70 29.03
C ASN B 226 -21.68 27.26 27.87
N TRP B 227 -21.64 25.95 27.59
CA TRP B 227 -20.85 25.48 26.45
C TRP B 227 -21.36 26.12 25.17
N VAL B 228 -22.68 26.06 24.96
CA VAL B 228 -23.27 26.66 23.77
C VAL B 228 -22.86 28.12 23.66
N ALA B 229 -23.07 28.89 24.73
CA ALA B 229 -22.71 30.31 24.74
C ALA B 229 -21.24 30.51 24.39
N GLY B 230 -20.37 29.63 24.88
CA GLY B 230 -18.95 29.78 24.66
C GLY B 230 -18.48 29.48 23.25
N LEU B 231 -19.37 28.97 22.39
CA LEU B 231 -18.92 28.55 21.06
C LEU B 231 -18.49 29.73 20.18
N VAL B 232 -19.06 30.92 20.43
CA VAL B 232 -18.71 32.09 19.64
C VAL B 232 -18.12 33.19 20.52
N HIS C 6 -14.81 -5.93 -19.73
CA HIS C 6 -14.94 -4.56 -19.23
C HIS C 6 -13.91 -3.62 -19.87
N GLY C 7 -14.40 -2.69 -20.71
CA GLY C 7 -13.53 -1.64 -21.25
C GLY C 7 -12.73 -2.10 -22.47
N GLY C 8 -11.54 -1.50 -22.61
CA GLY C 8 -10.61 -1.83 -23.68
C GLY C 8 -9.33 -2.49 -23.22
N THR C 9 -8.18 -2.09 -23.79
CA THR C 9 -6.87 -2.66 -23.44
C THR C 9 -6.06 -1.63 -22.68
N ILE C 10 -5.65 -1.98 -21.47
CA ILE C 10 -4.80 -1.13 -20.63
C ILE C 10 -3.42 -1.76 -20.60
N LEU C 11 -2.40 -0.94 -20.89
CA LEU C 11 -1.01 -1.35 -20.87
C LEU C 11 -0.28 -0.40 -19.94
N VAL C 12 0.36 -0.92 -18.89
CA VAL C 12 1.25 -0.06 -18.12
C VAL C 12 2.60 -0.09 -18.81
N VAL C 13 3.25 1.06 -18.88
CA VAL C 13 4.57 1.16 -19.47
C VAL C 13 5.52 1.54 -18.35
N THR C 14 6.37 0.60 -17.96
CA THR C 14 7.30 0.75 -16.88
C THR C 14 8.72 0.71 -17.44
N GLY C 15 9.69 0.89 -16.56
CA GLY C 15 11.07 0.91 -16.96
C GLY C 15 11.94 0.14 -15.99
N THR C 16 13.07 -0.34 -16.51
CA THR C 16 14.04 -1.02 -15.66
C THR C 16 14.77 -0.05 -14.77
N GLY C 17 14.74 1.22 -15.12
CA GLY C 17 15.22 2.23 -14.23
C GLY C 17 14.82 3.61 -14.70
N THR C 18 15.53 4.58 -14.18
CA THR C 18 15.31 5.97 -14.53
C THR C 18 16.11 6.31 -15.78
N GLY C 19 15.53 7.13 -16.65
CA GLY C 19 16.21 7.59 -17.83
C GLY C 19 16.25 6.63 -19.00
N VAL C 20 15.40 5.60 -19.00
CA VAL C 20 15.46 4.58 -20.05
C VAL C 20 14.61 4.93 -21.28
N GLY C 21 13.78 5.96 -21.21
CA GLY C 21 12.98 6.37 -22.34
C GLY C 21 11.53 5.95 -22.32
N LYS C 22 10.93 5.83 -21.13
CA LYS C 22 9.50 5.53 -21.03
C LYS C 22 8.66 6.49 -21.85
N THR C 23 8.88 7.79 -21.68
CA THR C 23 8.02 8.77 -22.34
C THR C 23 8.06 8.63 -23.85
N VAL C 24 9.24 8.43 -24.42
CA VAL C 24 9.36 8.32 -25.87
C VAL C 24 8.71 7.02 -26.35
N VAL C 25 8.83 5.95 -25.58
CA VAL C 25 8.21 4.70 -25.98
C VAL C 25 6.69 4.85 -25.99
N CYS C 26 6.15 5.51 -24.97
CA CYS C 26 4.71 5.74 -24.93
C CYS C 26 4.27 6.53 -26.15
N ALA C 27 5.05 7.55 -26.52
CA ALA C 27 4.71 8.35 -27.70
C ALA C 27 4.81 7.54 -28.98
N ALA C 28 5.85 6.71 -29.11
CA ALA C 28 6.02 5.91 -30.32
C ALA C 28 4.96 4.81 -30.44
N LEU C 29 4.63 4.13 -29.35
CA LEU C 29 3.56 3.13 -29.42
C LEU C 29 2.23 3.80 -29.71
N ALA C 30 1.95 4.93 -29.06
CA ALA C 30 0.73 5.67 -29.34
C ALA C 30 0.63 6.02 -30.83
N SER C 31 1.73 6.52 -31.40
CA SER C 31 1.73 6.91 -32.80
C SER C 31 1.46 5.73 -33.72
N ALA C 32 2.15 4.61 -33.50
CA ALA C 32 1.96 3.43 -34.35
C ALA C 32 0.53 2.89 -34.21
N ALA C 33 -0.04 2.94 -33.01
CA ALA C 33 -1.41 2.47 -32.85
C ALA C 33 -2.38 3.40 -33.57
N ARG C 34 -2.21 4.71 -33.43
CA ARG C 34 -3.06 5.67 -34.13
C ARG C 34 -3.01 5.44 -35.64
N GLN C 35 -1.83 5.13 -36.17
CA GLN C 35 -1.71 4.87 -37.61
C GLN C 35 -2.37 3.55 -37.99
N ALA C 36 -2.49 2.62 -37.07
CA ALA C 36 -3.27 1.42 -37.29
C ALA C 36 -4.77 1.67 -37.07
N GLY C 37 -5.18 2.92 -36.92
CA GLY C 37 -6.58 3.24 -36.72
C GLY C 37 -7.11 2.95 -35.34
N ILE C 38 -6.23 2.81 -34.34
CA ILE C 38 -6.64 2.49 -32.97
C ILE C 38 -6.80 3.78 -32.18
N ASP C 39 -7.89 3.84 -31.40
CA ASP C 39 -8.11 4.93 -30.47
C ASP C 39 -7.17 4.77 -29.28
N VAL C 40 -6.31 5.77 -29.05
CA VAL C 40 -5.23 5.68 -28.07
C VAL C 40 -5.39 6.81 -27.06
N ALA C 41 -5.22 6.47 -25.79
CA ALA C 41 -5.16 7.45 -24.71
C ALA C 41 -3.92 7.16 -23.88
N VAL C 42 -3.41 8.19 -23.21
CA VAL C 42 -2.18 8.05 -22.44
C VAL C 42 -2.36 8.75 -21.10
N CYS C 43 -1.92 8.08 -20.03
CA CYS C 43 -2.22 8.43 -18.65
C CYS C 43 -0.91 8.48 -17.89
N LYS C 44 -0.71 9.52 -17.09
CA LYS C 44 0.50 9.70 -16.29
C LYS C 44 0.03 10.01 -14.88
N PRO C 45 -0.23 9.00 -14.06
CA PRO C 45 -0.87 9.26 -12.76
C PRO C 45 -0.01 10.12 -11.83
N VAL C 46 1.31 9.98 -11.91
CA VAL C 46 2.23 10.69 -11.03
C VAL C 46 3.36 11.21 -11.90
N GLN C 47 3.52 12.54 -11.94
CA GLN C 47 4.59 13.21 -12.66
C GLN C 47 5.44 14.00 -11.67
N THR C 48 6.75 13.75 -11.66
CA THR C 48 7.69 14.56 -10.91
C THR C 48 8.58 15.34 -11.88
N GLY C 49 9.40 16.23 -11.31
CA GLY C 49 10.40 16.92 -12.12
C GLY C 49 9.93 18.11 -12.92
N THR C 50 8.78 18.71 -12.59
CA THR C 50 8.35 19.87 -13.38
C THR C 50 9.33 21.04 -13.24
N ALA C 51 9.97 21.19 -12.07
CA ALA C 51 10.98 22.24 -11.92
C ALA C 51 12.12 22.10 -12.91
N ARG C 52 12.31 20.91 -13.49
CA ARG C 52 13.32 20.69 -14.52
C ARG C 52 12.79 20.93 -15.93
N GLY C 53 11.48 21.06 -16.10
CA GLY C 53 10.87 21.11 -17.40
C GLY C 53 10.17 19.84 -17.84
N ASP C 54 10.16 18.82 -16.98
CA ASP C 54 9.55 17.54 -17.33
C ASP C 54 8.03 17.69 -17.45
N ASP C 55 7.47 17.27 -18.59
CA ASP C 55 6.02 17.08 -18.69
C ASP C 55 5.79 15.95 -19.72
N ASP C 56 5.69 14.72 -19.21
CA ASP C 56 5.66 13.57 -20.10
C ASP C 56 4.40 13.57 -20.96
N LEU C 57 3.23 13.82 -20.35
CA LEU C 57 1.99 13.90 -21.13
C LEU C 57 2.10 14.96 -22.22
N ALA C 58 2.73 16.09 -21.91
CA ALA C 58 2.89 17.12 -22.94
C ALA C 58 3.84 16.65 -24.03
N GLU C 59 4.90 15.94 -23.66
CA GLU C 59 5.82 15.43 -24.67
C GLU C 59 5.17 14.36 -25.54
N VAL C 60 4.26 13.57 -24.96
CA VAL C 60 3.53 12.61 -25.80
C VAL C 60 2.68 13.36 -26.81
N GLY C 61 1.91 14.34 -26.35
CA GLY C 61 1.09 15.13 -27.26
C GLY C 61 1.90 15.73 -28.40
N ARG C 62 3.11 16.21 -28.12
N ARG C 62 3.10 16.23 -28.10
CA ARG C 62 3.88 16.83 -29.19
CA ARG C 62 3.93 16.85 -29.14
C ARG C 62 4.38 15.80 -30.17
C ARG C 62 4.41 15.81 -30.16
N LEU C 63 4.94 14.68 -29.68
CA LEU C 63 5.58 13.73 -30.57
C LEU C 63 4.56 12.93 -31.39
N ALA C 64 3.45 12.54 -30.77
CA ALA C 64 2.52 11.62 -31.41
C ALA C 64 1.18 12.25 -31.81
N GLY C 65 0.84 13.41 -31.27
CA GLY C 65 -0.42 14.03 -31.61
C GLY C 65 -1.59 13.57 -30.77
N VAL C 66 -1.35 12.81 -29.71
CA VAL C 66 -2.41 12.37 -28.83
C VAL C 66 -2.99 13.57 -28.10
N THR C 67 -4.32 13.69 -28.09
CA THR C 67 -4.99 14.70 -27.29
C THR C 67 -5.68 14.13 -26.07
N GLN C 68 -5.99 12.83 -26.08
CA GLN C 68 -6.59 12.19 -24.93
C GLN C 68 -5.47 11.89 -23.94
N LEU C 69 -5.17 12.89 -23.12
CA LEU C 69 -4.10 12.84 -22.12
C LEU C 69 -4.71 13.10 -20.74
N ALA C 70 -4.30 12.32 -19.74
CA ALA C 70 -4.87 12.47 -18.41
C ALA C 70 -3.77 12.45 -17.35
N GLY C 71 -3.72 13.51 -16.53
CA GLY C 71 -2.80 13.60 -15.42
C GLY C 71 -3.55 13.57 -14.09
N LEU C 72 -2.78 13.46 -13.01
CA LEU C 72 -3.36 13.54 -11.67
C LEU C 72 -2.48 14.36 -10.75
N ALA C 73 -1.43 13.75 -10.20
CA ALA C 73 -0.53 14.43 -9.29
C ALA C 73 0.70 14.93 -10.05
N ARG C 74 1.17 16.11 -9.67
CA ARG C 74 2.38 16.68 -10.28
C ARG C 74 3.22 17.32 -9.18
N TYR C 75 4.54 17.19 -9.29
CA TYR C 75 5.44 17.62 -8.23
C TYR C 75 6.65 18.24 -8.89
N PRO C 76 7.23 19.31 -8.28
CA PRO C 76 8.33 20.03 -8.94
C PRO C 76 9.68 19.32 -8.96
N GLN C 77 10.16 18.82 -7.80
CA GLN C 77 11.55 18.33 -7.82
C GLN C 77 11.61 16.96 -8.49
N PRO C 78 12.66 16.71 -9.31
CA PRO C 78 12.89 15.40 -9.96
C PRO C 78 13.49 14.39 -8.98
N MET C 79 12.64 13.92 -8.09
CA MET C 79 12.95 12.87 -7.14
C MET C 79 11.90 11.76 -7.29
N ALA C 80 12.05 10.70 -6.50
CA ALA C 80 10.99 9.72 -6.43
C ALA C 80 9.71 10.37 -5.87
N PRO C 81 8.54 9.94 -6.34
CA PRO C 81 7.29 10.64 -5.99
C PRO C 81 7.10 10.93 -4.50
N ALA C 82 7.33 9.97 -3.61
CA ALA C 82 7.17 10.26 -2.18
C ALA C 82 8.12 11.39 -1.75
N ALA C 83 9.35 11.38 -2.29
CA ALA C 83 10.33 12.40 -1.93
C ALA C 83 9.92 13.76 -2.46
N ALA C 84 9.53 13.83 -3.74
CA ALA C 84 9.10 15.10 -4.32
C ALA C 84 7.83 15.63 -3.66
N ALA C 85 6.92 14.74 -3.26
CA ALA C 85 5.73 15.17 -2.53
C ALA C 85 6.11 15.75 -1.17
N GLU C 86 7.00 15.08 -0.44
CA GLU C 86 7.43 15.62 0.84
C GLU C 86 8.10 16.98 0.65
N HIS C 87 9.02 17.07 -0.31
CA HIS C 87 9.70 18.33 -0.59
C HIS C 87 8.74 19.47 -0.90
N ALA C 88 7.52 19.17 -1.37
CA ALA C 88 6.58 20.20 -1.77
C ALA C 88 5.49 20.46 -0.74
N GLY C 89 5.58 19.85 0.44
CA GLY C 89 4.51 19.95 1.40
C GLY C 89 3.20 19.36 0.91
N MET C 90 3.28 18.38 0.00
CA MET C 90 2.11 17.78 -0.61
C MET C 90 2.07 16.28 -0.31
N ALA C 91 0.89 15.71 -0.48
CA ALA C 91 0.68 14.28 -0.29
C ALA C 91 0.66 13.56 -1.63
N LEU C 92 0.94 12.26 -1.59
CA LEU C 92 0.76 11.42 -2.76
C LEU C 92 -0.74 11.27 -3.06
N PRO C 93 -1.10 10.97 -4.31
CA PRO C 93 -2.52 10.77 -4.62
C PRO C 93 -3.08 9.52 -3.95
N ALA C 94 -4.39 9.52 -3.73
CA ALA C 94 -5.03 8.35 -3.15
C ALA C 94 -5.06 7.20 -4.15
N ARG C 95 -4.86 5.98 -3.63
CA ARG C 95 -4.86 4.81 -4.50
C ARG C 95 -6.13 4.75 -5.33
N ASP C 96 -7.30 4.97 -4.70
CA ASP C 96 -8.54 4.88 -5.48
C ASP C 96 -8.66 6.00 -6.50
N GLN C 97 -7.89 7.08 -6.34
CA GLN C 97 -7.87 8.16 -7.33
C GLN C 97 -7.01 7.81 -8.55
N ILE C 98 -5.90 7.09 -8.35
CA ILE C 98 -5.19 6.55 -9.50
C ILE C 98 -6.06 5.54 -10.24
N VAL C 99 -6.73 4.65 -9.52
CA VAL C 99 -7.53 3.64 -10.21
C VAL C 99 -8.69 4.28 -10.97
N ARG C 100 -9.44 5.18 -10.32
CA ARG C 100 -10.54 5.88 -11.01
C ARG C 100 -10.05 6.59 -12.28
N LEU C 101 -8.91 7.26 -12.20
CA LEU C 101 -8.35 7.95 -13.36
C LEU C 101 -8.19 7.02 -14.55
N ILE C 102 -7.57 5.87 -14.33
CA ILE C 102 -7.34 4.92 -15.41
C ILE C 102 -8.67 4.39 -15.91
N ALA C 103 -9.58 4.06 -14.98
CA ALA C 103 -10.88 3.50 -15.33
C ALA C 103 -11.72 4.49 -16.13
N ASP C 104 -11.68 5.78 -15.77
CA ASP C 104 -12.46 6.76 -16.53
C ASP C 104 -11.95 6.91 -17.96
N LEU C 105 -10.67 6.59 -18.22
CA LEU C 105 -10.12 6.68 -19.57
C LEU C 105 -10.44 5.45 -20.41
N ASP C 106 -10.58 4.30 -19.77
CA ASP C 106 -10.64 3.03 -20.47
C ASP C 106 -12.03 2.82 -21.06
N ARG C 107 -12.07 2.41 -22.33
N ARG C 107 -12.08 2.41 -22.32
CA ARG C 107 -13.33 2.15 -23.00
CA ARG C 107 -13.33 2.16 -23.01
C ARG C 107 -13.08 1.16 -24.14
C ARG C 107 -13.08 1.17 -24.14
N PRO C 108 -14.12 0.45 -24.59
CA PRO C 108 -13.90 -0.58 -25.62
C PRO C 108 -13.30 -0.02 -26.90
N GLY C 109 -12.44 -0.81 -27.52
CA GLY C 109 -11.71 -0.40 -28.70
C GLY C 109 -10.49 0.45 -28.46
N ARG C 110 -10.30 0.97 -27.25
CA ARG C 110 -9.24 1.93 -26.95
C ARG C 110 -8.04 1.24 -26.32
N LEU C 111 -6.85 1.70 -26.69
CA LEU C 111 -5.61 1.32 -26.03
C LEU C 111 -5.22 2.46 -25.07
N THR C 112 -5.28 2.20 -23.77
CA THR C 112 -4.87 3.19 -22.76
C THR C 112 -3.48 2.81 -22.24
N LEU C 113 -2.51 3.70 -22.40
CA LEU C 113 -1.16 3.51 -21.91
C LEU C 113 -0.98 4.29 -20.61
N VAL C 114 -0.55 3.60 -19.56
CA VAL C 114 -0.36 4.25 -18.27
C VAL C 114 1.14 4.23 -17.97
N GLU C 115 1.75 5.40 -18.07
CA GLU C 115 3.19 5.51 -17.92
C GLU C 115 3.54 5.66 -16.45
N GLY C 116 4.49 4.85 -15.99
CA GLY C 116 4.93 4.90 -14.62
C GLY C 116 5.82 6.11 -14.33
N ALA C 117 6.31 6.12 -13.09
CA ALA C 117 7.30 7.09 -12.63
C ALA C 117 8.52 6.32 -12.17
N GLY C 118 9.61 6.38 -12.93
CA GLY C 118 10.79 5.61 -12.60
C GLY C 118 10.67 4.16 -12.97
N GLY C 119 10.64 3.27 -11.96
CA GLY C 119 10.62 1.85 -12.17
C GLY C 119 9.40 1.19 -11.54
N LEU C 120 9.36 -0.14 -11.70
CA LEU C 120 8.14 -0.88 -11.40
C LEU C 120 7.72 -0.75 -9.94
N LEU C 121 8.67 -0.75 -9.01
CA LEU C 121 8.32 -0.81 -7.59
C LEU C 121 8.39 0.55 -6.89
N VAL C 122 8.44 1.64 -7.65
CA VAL C 122 8.38 2.99 -7.09
C VAL C 122 7.05 3.24 -6.42
N GLU C 123 7.08 3.82 -5.21
CA GLU C 123 5.83 4.09 -4.50
C GLU C 123 5.06 5.21 -5.18
N LEU C 124 3.80 4.94 -5.57
CA LEU C 124 2.94 5.96 -6.15
C LEU C 124 1.88 6.47 -5.20
N ALA C 125 1.52 5.69 -4.19
CA ALA C 125 0.48 6.06 -3.25
C ALA C 125 0.70 5.27 -1.96
N GLU C 126 0.12 5.79 -0.88
N GLU C 126 0.14 5.77 -0.92
CA GLU C 126 0.32 5.14 0.41
CA GLU C 126 0.41 5.09 0.34
C GLU C 126 -0.67 3.98 0.59
C GLU C 126 -0.63 4.00 0.60
N PRO C 127 -0.28 2.94 1.33
CA PRO C 127 1.08 2.69 1.85
C PRO C 127 1.84 1.74 0.92
N GLY C 128 2.86 2.26 0.23
CA GLY C 128 3.64 1.42 -0.66
C GLY C 128 2.89 0.87 -1.86
N VAL C 129 1.89 1.58 -2.38
CA VAL C 129 1.23 1.15 -3.61
C VAL C 129 2.13 1.44 -4.81
N THR C 130 2.30 0.45 -5.70
CA THR C 130 3.18 0.57 -6.85
C THR C 130 2.38 0.49 -8.14
N LEU C 131 3.10 0.72 -9.24
CA LEU C 131 2.52 0.50 -10.57
C LEU C 131 2.17 -0.96 -10.79
N ARG C 132 2.92 -1.87 -10.16
CA ARG C 132 2.58 -3.28 -10.28
C ARG C 132 1.24 -3.55 -9.61
N ASP C 133 0.99 -2.93 -8.45
CA ASP C 133 -0.30 -3.04 -7.78
C ASP C 133 -1.44 -2.52 -8.65
N VAL C 134 -1.20 -1.42 -9.36
CA VAL C 134 -2.25 -0.83 -10.19
C VAL C 134 -2.53 -1.71 -11.39
N ALA C 135 -1.48 -2.24 -12.02
CA ALA C 135 -1.66 -3.18 -13.12
C ALA C 135 -2.52 -4.37 -12.70
N VAL C 136 -2.29 -4.91 -11.49
CA VAL C 136 -3.19 -5.96 -11.00
C VAL C 136 -4.62 -5.44 -10.93
N ASP C 137 -4.80 -4.24 -10.37
CA ASP C 137 -6.13 -3.68 -10.13
C ASP C 137 -6.92 -3.52 -11.41
N VAL C 138 -6.28 -3.04 -12.47
CA VAL C 138 -6.97 -2.77 -13.73
C VAL C 138 -6.72 -3.87 -14.76
N ALA C 139 -6.19 -5.02 -14.33
CA ALA C 139 -5.95 -6.17 -15.19
C ALA C 139 -5.13 -5.79 -16.44
N ALA C 140 -4.13 -4.95 -16.24
CA ALA C 140 -3.25 -4.51 -17.33
C ALA C 140 -2.03 -5.41 -17.46
N ALA C 141 -1.57 -5.55 -18.70
CA ALA C 141 -0.24 -6.10 -18.94
C ALA C 141 0.78 -4.97 -18.83
N ALA C 142 2.06 -5.34 -18.81
CA ALA C 142 3.16 -4.41 -18.64
C ALA C 142 4.11 -4.50 -19.81
N LEU C 143 4.44 -3.35 -20.38
CA LEU C 143 5.48 -3.20 -21.38
C LEU C 143 6.71 -2.62 -20.70
N VAL C 144 7.86 -3.26 -20.88
CA VAL C 144 9.03 -2.93 -20.09
C VAL C 144 10.06 -2.25 -20.99
N VAL C 145 10.44 -1.02 -20.65
CA VAL C 145 11.44 -0.30 -21.42
C VAL C 145 12.81 -0.50 -20.76
N VAL C 146 13.80 -0.82 -21.60
CA VAL C 146 15.13 -1.24 -21.16
C VAL C 146 16.18 -0.49 -21.98
N THR C 147 17.41 -0.50 -21.47
CA THR C 147 18.56 -0.07 -22.25
C THR C 147 19.28 -1.27 -22.85
N ALA C 148 20.26 -0.97 -23.70
CA ALA C 148 21.15 -1.98 -24.25
C ALA C 148 22.52 -1.94 -23.61
N ASP C 149 22.65 -1.20 -22.51
CA ASP C 149 23.92 -0.95 -21.85
C ASP C 149 24.19 -1.98 -20.75
N LEU C 150 25.44 -2.01 -20.29
CA LEU C 150 25.87 -2.95 -19.28
C LEU C 150 24.97 -2.90 -18.05
N GLY C 151 24.57 -4.08 -17.58
CA GLY C 151 23.68 -4.18 -16.45
C GLY C 151 22.21 -4.30 -16.81
N THR C 152 21.87 -4.24 -18.10
CA THR C 152 20.47 -4.30 -18.50
C THR C 152 19.89 -5.71 -18.35
N LEU C 153 20.70 -6.73 -18.56
CA LEU C 153 20.19 -8.09 -18.41
C LEU C 153 19.73 -8.34 -16.97
N ASN C 154 20.56 -7.97 -16.00
CA ASN C 154 20.16 -8.11 -14.60
C ASN C 154 18.91 -7.29 -14.28
N HIS C 155 18.89 -6.02 -14.71
CA HIS C 155 17.76 -5.17 -14.36
C HIS C 155 16.48 -5.64 -15.03
N THR C 156 16.58 -6.16 -16.25
CA THR C 156 15.40 -6.67 -16.93
C THR C 156 14.87 -7.94 -16.27
N LYS C 157 15.77 -8.86 -15.93
CA LYS C 157 15.34 -10.10 -15.31
C LYS C 157 14.70 -9.85 -13.96
N LEU C 158 15.25 -8.90 -13.19
CA LEU C 158 14.64 -8.50 -11.93
C LEU C 158 13.24 -7.95 -12.12
N THR C 159 13.04 -7.13 -13.13
CA THR C 159 11.73 -6.53 -13.37
C THR C 159 10.72 -7.58 -13.82
N LEU C 160 11.13 -8.50 -14.69
CA LEU C 160 10.24 -9.57 -15.17
C LEU C 160 9.89 -10.55 -14.06
N GLU C 161 10.86 -10.87 -13.19
CA GLU C 161 10.53 -11.72 -12.05
C GLU C 161 9.46 -11.07 -11.19
N ALA C 162 9.55 -9.74 -10.98
CA ALA C 162 8.57 -9.07 -10.12
C ALA C 162 7.20 -9.03 -10.79
N LEU C 163 7.16 -8.85 -12.10
CA LEU C 163 5.89 -8.90 -12.81
C LEU C 163 5.23 -10.27 -12.63
N ALA C 164 6.00 -11.33 -12.90
CA ALA C 164 5.44 -12.67 -12.86
C ALA C 164 5.01 -13.08 -11.45
N ALA C 165 5.70 -12.55 -10.43
CA ALA C 165 5.37 -12.86 -9.05
C ALA C 165 3.95 -12.42 -8.69
N GLN C 166 3.38 -11.46 -9.42
CA GLN C 166 1.99 -11.08 -9.17
C GLN C 166 1.11 -11.33 -10.39
N GLN C 167 1.52 -12.24 -11.26
CA GLN C 167 0.71 -12.62 -12.41
C GLN C 167 0.35 -11.40 -13.26
N VAL C 168 1.29 -10.48 -13.40
CA VAL C 168 1.14 -9.39 -14.38
C VAL C 168 1.85 -9.83 -15.64
N SER C 169 1.07 -9.97 -16.70
CA SER C 169 1.61 -10.43 -17.97
C SER C 169 2.56 -9.40 -18.54
N CYS C 170 3.64 -9.86 -19.17
CA CYS C 170 4.60 -8.97 -19.80
C CYS C 170 4.27 -8.86 -21.29
N ALA C 171 3.89 -7.67 -21.72
CA ALA C 171 3.58 -7.47 -23.13
C ALA C 171 4.83 -7.43 -24.02
N GLY C 172 6.02 -7.45 -23.44
CA GLY C 172 7.27 -7.44 -24.18
C GLY C 172 8.22 -6.37 -23.69
N LEU C 173 9.36 -6.26 -24.38
CA LEU C 173 10.38 -5.27 -24.12
C LEU C 173 10.46 -4.26 -25.26
N VAL C 174 10.83 -3.03 -24.94
CA VAL C 174 11.23 -2.05 -25.94
C VAL C 174 12.58 -1.47 -25.51
N ILE C 175 13.55 -1.49 -26.42
CA ILE C 175 14.82 -0.82 -26.17
C ILE C 175 14.63 0.67 -26.44
N GLY C 176 14.80 1.48 -25.40
CA GLY C 176 14.40 2.88 -25.46
C GLY C 176 15.30 3.74 -26.33
N SER C 177 16.50 3.28 -26.65
CA SER C 177 17.42 4.03 -27.51
C SER C 177 18.45 3.06 -28.07
N TRP C 178 18.39 2.83 -29.38
CA TRP C 178 19.22 1.83 -30.02
C TRP C 178 20.31 2.52 -30.85
N PRO C 179 21.57 2.45 -30.45
CA PRO C 179 22.62 3.16 -31.18
C PRO C 179 22.90 2.53 -32.53
N ASP C 180 23.47 3.33 -33.42
CA ASP C 180 23.77 2.90 -34.78
C ASP C 180 25.08 3.52 -35.25
N PRO C 181 26.11 2.72 -35.53
CA PRO C 181 26.13 1.26 -35.45
C PRO C 181 26.12 0.72 -34.02
N PRO C 182 25.67 -0.51 -33.83
CA PRO C 182 25.64 -1.09 -32.48
C PRO C 182 26.93 -1.83 -32.13
N GLY C 183 27.55 -1.44 -31.01
CA GLY C 183 28.81 -1.99 -30.59
C GLY C 183 28.71 -3.39 -29.99
N LEU C 184 29.86 -3.90 -29.55
CA LEU C 184 29.93 -5.25 -29.00
C LEU C 184 28.93 -5.45 -27.87
N VAL C 185 28.97 -4.57 -26.89
CA VAL C 185 28.10 -4.69 -25.73
C VAL C 185 26.63 -4.59 -26.14
N ALA C 186 26.30 -3.57 -26.95
CA ALA C 186 24.91 -3.36 -27.32
C ALA C 186 24.38 -4.51 -28.16
N ALA C 187 25.20 -5.01 -29.09
CA ALA C 187 24.77 -6.14 -29.91
C ALA C 187 24.58 -7.38 -29.05
N SER C 188 25.57 -7.68 -28.22
CA SER C 188 25.47 -8.81 -27.30
C SER C 188 24.21 -8.70 -26.44
N ASN C 189 23.98 -7.53 -25.86
CA ASN C 189 22.85 -7.37 -24.96
C ASN C 189 21.52 -7.53 -25.66
N ARG C 190 21.40 -7.07 -26.92
CA ARG C 190 20.12 -7.18 -27.61
C ARG C 190 19.76 -8.63 -27.89
N SER C 191 20.73 -9.44 -28.30
CA SER C 191 20.46 -10.85 -28.51
C SER C 191 20.06 -11.53 -27.21
N ALA C 192 20.73 -11.17 -26.12
CA ALA C 192 20.42 -11.77 -24.82
C ALA C 192 19.06 -11.33 -24.33
N LEU C 193 18.68 -10.07 -24.57
CA LEU C 193 17.35 -9.63 -24.19
C LEU C 193 16.29 -10.41 -24.94
N ALA C 194 16.52 -10.67 -26.24
CA ALA C 194 15.54 -11.40 -27.04
C ALA C 194 15.37 -12.83 -26.57
N ARG C 195 16.34 -13.39 -25.84
CA ARG C 195 16.14 -14.71 -25.25
C ARG C 195 15.41 -14.65 -23.92
N ILE C 196 15.16 -13.46 -23.38
CA ILE C 196 14.43 -13.31 -22.13
C ILE C 196 12.95 -13.05 -22.38
N ALA C 197 12.65 -12.30 -23.44
CA ALA C 197 11.29 -11.89 -23.78
C ALA C 197 11.29 -11.34 -25.19
N MET C 198 10.08 -11.12 -25.71
CA MET C 198 9.88 -10.48 -27.00
C MET C 198 10.35 -9.03 -26.98
N VAL C 199 11.26 -8.68 -27.89
CA VAL C 199 11.68 -7.29 -28.08
C VAL C 199 10.76 -6.70 -29.14
N ARG C 200 9.86 -5.80 -28.73
CA ARG C 200 8.82 -5.29 -29.62
C ARG C 200 9.34 -4.20 -30.54
N ALA C 201 10.34 -3.44 -30.10
CA ALA C 201 10.91 -2.35 -30.89
C ALA C 201 12.24 -1.97 -30.28
N ALA C 202 13.11 -1.38 -31.12
CA ALA C 202 14.34 -0.73 -30.67
C ALA C 202 14.33 0.67 -31.26
N LEU C 203 13.99 1.67 -30.46
CA LEU C 203 13.80 3.01 -31.02
C LEU C 203 15.15 3.68 -31.27
N PRO C 204 15.41 4.17 -32.48
CA PRO C 204 16.71 4.80 -32.76
C PRO C 204 16.99 5.94 -31.80
N ALA C 205 18.27 6.10 -31.46
CA ALA C 205 18.65 7.12 -30.50
C ALA C 205 18.24 8.50 -31.00
N GLY C 206 17.93 9.40 -30.05
CA GLY C 206 17.50 10.74 -30.39
C GLY C 206 16.11 10.85 -30.98
N ALA C 207 15.28 9.81 -30.84
CA ALA C 207 13.95 9.84 -31.44
C ALA C 207 13.07 10.94 -30.86
N ALA C 208 13.39 11.43 -29.66
CA ALA C 208 12.57 12.47 -29.04
C ALA C 208 12.81 13.84 -29.66
N SER C 209 13.81 13.96 -30.53
CA SER C 209 14.08 15.22 -31.22
C SER C 209 13.82 15.03 -32.71
N LEU C 210 12.66 14.49 -33.03
CA LEU C 210 12.19 14.42 -34.41
C LEU C 210 10.94 15.29 -34.54
N ASP C 211 10.71 15.80 -35.74
CA ASP C 211 9.46 16.48 -35.96
C ASP C 211 8.33 15.46 -36.09
N ALA C 212 7.11 15.94 -35.88
CA ALA C 212 5.93 15.07 -35.77
C ALA C 212 5.84 14.10 -36.94
N GLY C 213 6.19 14.56 -38.13
CA GLY C 213 6.15 13.74 -39.33
C GLY C 213 7.15 12.60 -39.28
N ASP C 214 8.42 12.92 -39.01
CA ASP C 214 9.41 11.85 -38.96
C ASP C 214 9.18 10.90 -37.79
N PHE C 215 8.70 11.43 -36.65
CA PHE C 215 8.43 10.56 -35.51
C PHE C 215 7.35 9.52 -35.83
N ALA C 216 6.30 9.94 -36.56
CA ALA C 216 5.25 9.00 -36.95
C ALA C 216 5.79 7.94 -37.91
N ALA C 217 6.70 8.32 -38.81
CA ALA C 217 7.30 7.36 -39.71
C ALA C 217 8.17 6.37 -38.95
N MET C 218 8.98 6.88 -38.02
CA MET C 218 9.78 6.00 -37.17
C MET C 218 8.91 5.03 -36.39
N SER C 219 7.87 5.54 -35.73
CA SER C 219 6.99 4.70 -34.93
C SER C 219 6.33 3.62 -35.78
N ALA C 220 5.85 3.99 -36.97
CA ALA C 220 5.25 3.00 -37.87
C ALA C 220 6.24 1.88 -38.19
N ALA C 221 7.51 2.22 -38.47
CA ALA C 221 8.49 1.19 -38.79
C ALA C 221 9.06 0.49 -37.55
N ALA C 222 8.86 1.06 -36.36
CA ALA C 222 9.49 0.52 -35.16
C ALA C 222 8.83 -0.75 -34.65
N PHE C 223 7.52 -0.90 -34.87
CA PHE C 223 6.74 -1.99 -34.29
C PHE C 223 6.11 -2.85 -35.38
N ASP C 224 5.84 -4.10 -35.03
CA ASP C 224 5.04 -4.97 -35.90
C ASP C 224 3.60 -4.48 -35.89
N ARG C 225 3.08 -4.08 -37.06
CA ARG C 225 1.71 -3.58 -37.12
C ARG C 225 0.72 -4.63 -36.68
N ASN C 226 0.98 -5.90 -37.03
CA ASN C 226 0.09 -6.97 -36.58
C ASN C 226 0.05 -7.06 -35.06
N TRP C 227 1.21 -7.00 -34.41
CA TRP C 227 1.21 -6.98 -32.95
C TRP C 227 0.46 -5.76 -32.43
N VAL C 228 0.69 -4.59 -33.04
CA VAL C 228 0.03 -3.38 -32.57
C VAL C 228 -1.47 -3.44 -32.82
N ALA C 229 -1.88 -3.91 -34.01
CA ALA C 229 -3.31 -4.07 -34.27
C ALA C 229 -3.95 -5.08 -33.34
N GLY C 230 -3.21 -6.10 -32.96
CA GLY C 230 -3.76 -7.13 -32.10
C GLY C 230 -3.88 -6.78 -30.63
N LEU C 231 -3.47 -5.56 -30.23
CA LEU C 231 -3.54 -5.23 -28.80
C LEU C 231 -4.96 -5.03 -28.34
N VAL C 232 -5.83 -4.52 -29.20
CA VAL C 232 -7.24 -4.32 -28.86
C VAL C 232 -8.11 -5.46 -29.39
N GLY C 233 -7.81 -5.95 -30.58
CA GLY C 233 -8.51 -7.10 -31.14
C GLY C 233 -7.96 -7.51 -32.48
N HIS D 6 28.14 -26.14 13.42
CA HIS D 6 27.64 -24.97 12.71
C HIS D 6 28.63 -24.48 11.64
N GLY D 7 29.92 -24.64 11.92
CA GLY D 7 30.90 -24.18 10.94
C GLY D 7 31.02 -22.66 10.93
N GLY D 8 31.49 -22.15 9.79
CA GLY D 8 31.70 -20.73 9.61
C GLY D 8 30.52 -20.04 8.94
N THR D 9 30.71 -18.76 8.65
CA THR D 9 29.68 -17.95 8.01
C THR D 9 30.08 -17.58 6.60
N ILE D 10 29.19 -17.85 5.64
CA ILE D 10 29.37 -17.46 4.26
C ILE D 10 28.39 -16.32 3.96
N LEU D 11 28.89 -15.26 3.32
CA LEU D 11 28.07 -14.13 2.89
C LEU D 11 28.33 -13.87 1.42
N VAL D 12 27.28 -13.92 0.59
CA VAL D 12 27.44 -13.37 -0.74
C VAL D 12 27.27 -11.87 -0.65
N VAL D 13 28.12 -11.15 -1.34
CA VAL D 13 28.05 -9.70 -1.44
C VAL D 13 27.62 -9.43 -2.87
N THR D 14 26.38 -8.99 -3.03
CA THR D 14 25.82 -8.69 -4.34
C THR D 14 25.57 -7.19 -4.42
N GLY D 15 25.00 -6.75 -5.53
CA GLY D 15 24.66 -5.34 -5.67
C GLY D 15 23.46 -5.16 -6.56
N THR D 16 22.87 -3.96 -6.49
CA THR D 16 21.75 -3.59 -7.35
C THR D 16 22.14 -3.48 -8.82
N GLY D 17 23.42 -3.52 -9.14
CA GLY D 17 23.85 -3.40 -10.51
C GLY D 17 25.36 -3.35 -10.56
N THR D 18 25.87 -3.05 -11.75
CA THR D 18 27.30 -2.97 -11.94
C THR D 18 27.82 -1.62 -11.49
N GLY D 19 29.10 -1.59 -11.09
CA GLY D 19 29.75 -0.39 -10.62
C GLY D 19 29.07 0.31 -9.46
N VAL D 20 28.78 -0.43 -8.38
CA VAL D 20 28.10 0.12 -7.21
C VAL D 20 28.96 0.10 -5.96
N GLY D 21 30.16 -0.47 -6.03
CA GLY D 21 31.05 -0.52 -4.90
C GLY D 21 31.20 -1.88 -4.22
N LYS D 22 30.92 -2.98 -4.92
CA LYS D 22 30.96 -4.29 -4.27
C LYS D 22 32.34 -4.59 -3.71
N THR D 23 33.38 -4.37 -4.51
CA THR D 23 34.73 -4.78 -4.11
C THR D 23 35.23 -3.96 -2.92
N VAL D 24 34.92 -2.66 -2.89
CA VAL D 24 35.37 -1.85 -1.77
C VAL D 24 34.55 -2.19 -0.53
N VAL D 25 33.29 -2.59 -0.72
CA VAL D 25 32.50 -3.03 0.42
C VAL D 25 33.04 -4.34 0.97
N CYS D 26 33.46 -5.25 0.08
CA CYS D 26 34.06 -6.49 0.54
C CYS D 26 35.28 -6.20 1.40
N ALA D 27 36.17 -5.33 0.92
CA ALA D 27 37.37 -4.96 1.66
C ALA D 27 37.00 -4.33 3.00
N ALA D 28 36.14 -3.31 2.97
CA ALA D 28 35.77 -2.62 4.19
C ALA D 28 35.23 -3.57 5.23
N LEU D 29 34.38 -4.52 4.82
CA LEU D 29 33.85 -5.47 5.79
C LEU D 29 34.90 -6.49 6.19
N ALA D 30 35.77 -6.87 5.26
CA ALA D 30 36.90 -7.74 5.61
C ALA D 30 37.77 -7.06 6.66
N SER D 31 38.15 -5.81 6.41
CA SER D 31 38.98 -5.08 7.37
C SER D 31 38.31 -5.00 8.73
N ALA D 32 37.05 -4.58 8.77
CA ALA D 32 36.34 -4.47 10.04
C ALA D 32 36.28 -5.81 10.76
N ALA D 33 36.05 -6.90 10.02
CA ALA D 33 35.96 -8.21 10.67
C ALA D 33 37.32 -8.67 11.21
N ARG D 34 38.39 -8.45 10.43
CA ARG D 34 39.71 -8.82 10.91
C ARG D 34 40.06 -8.10 12.19
N GLN D 35 39.81 -6.78 12.24
CA GLN D 35 40.13 -6.02 13.45
C GLN D 35 39.32 -6.49 14.65
N ALA D 36 38.19 -7.13 14.43
CA ALA D 36 37.45 -7.79 15.50
C ALA D 36 37.93 -9.20 15.75
N GLY D 37 39.08 -9.58 15.18
CA GLY D 37 39.65 -10.88 15.47
C GLY D 37 39.02 -12.03 14.72
N ILE D 38 38.33 -11.76 13.61
CA ILE D 38 37.68 -12.79 12.81
C ILE D 38 38.60 -13.09 11.61
N ASP D 39 38.79 -14.37 11.32
CA ASP D 39 39.49 -14.77 10.10
C ASP D 39 38.56 -14.60 8.91
N VAL D 40 39.09 -14.07 7.82
CA VAL D 40 38.29 -13.67 6.66
C VAL D 40 38.91 -14.27 5.41
N ALA D 41 38.06 -14.91 4.59
CA ALA D 41 38.41 -15.31 3.23
C ALA D 41 37.46 -14.63 2.25
N VAL D 42 37.93 -14.41 1.02
CA VAL D 42 37.12 -13.76 -0.02
C VAL D 42 37.26 -14.56 -1.30
N CYS D 43 36.12 -14.85 -1.93
CA CYS D 43 36.05 -15.63 -3.16
C CYS D 43 35.41 -14.77 -4.24
N LYS D 44 36.05 -14.70 -5.40
CA LYS D 44 35.46 -14.06 -6.57
C LYS D 44 35.62 -15.11 -7.67
N PRO D 45 34.63 -15.97 -7.84
CA PRO D 45 34.80 -17.10 -8.77
C PRO D 45 35.12 -16.67 -10.19
N VAL D 46 34.49 -15.62 -10.68
CA VAL D 46 34.69 -15.16 -12.06
C VAL D 46 35.08 -13.69 -12.02
N GLN D 47 36.20 -13.37 -12.67
CA GLN D 47 36.67 -12.00 -12.84
C GLN D 47 36.71 -11.70 -14.34
N THR D 48 36.12 -10.58 -14.74
CA THR D 48 36.19 -10.12 -16.12
C THR D 48 36.95 -8.80 -16.14
N GLY D 49 37.10 -8.23 -17.34
CA GLY D 49 37.78 -6.96 -17.50
C GLY D 49 39.24 -6.97 -17.07
N THR D 50 39.92 -8.11 -17.21
CA THR D 50 41.31 -8.17 -16.78
C THR D 50 42.24 -7.40 -17.72
N ALA D 51 41.88 -7.33 -19.02
CA ALA D 51 42.69 -6.63 -20.00
C ALA D 51 42.92 -5.18 -19.63
N ARG D 52 42.05 -4.58 -18.81
CA ARG D 52 42.28 -3.27 -18.25
C ARG D 52 42.67 -3.34 -16.78
N GLY D 53 43.24 -4.46 -16.35
CA GLY D 53 43.82 -4.54 -15.02
C GLY D 53 42.85 -4.68 -13.87
N ASP D 54 41.65 -5.20 -14.12
CA ASP D 54 40.72 -5.43 -13.02
C ASP D 54 41.11 -6.69 -12.26
N ASP D 55 41.25 -6.56 -10.94
CA ASP D 55 41.54 -7.69 -10.05
C ASP D 55 40.97 -7.34 -8.66
N ASP D 56 39.71 -7.71 -8.44
CA ASP D 56 39.05 -7.36 -7.19
C ASP D 56 39.71 -8.05 -5.99
N LEU D 57 40.17 -9.28 -6.18
CA LEU D 57 40.85 -9.97 -5.10
C LEU D 57 42.10 -9.21 -4.66
N ALA D 58 42.88 -8.72 -5.62
CA ALA D 58 44.05 -7.91 -5.30
C ALA D 58 43.65 -6.65 -4.54
N GLU D 59 42.57 -5.99 -4.95
CA GLU D 59 42.13 -4.80 -4.24
C GLU D 59 41.74 -5.16 -2.80
N VAL D 60 41.14 -6.34 -2.59
CA VAL D 60 40.77 -6.72 -1.23
C VAL D 60 42.01 -7.03 -0.40
N GLY D 61 42.94 -7.79 -0.96
CA GLY D 61 44.16 -8.09 -0.22
C GLY D 61 44.88 -6.82 0.20
N ARG D 62 45.00 -5.87 -0.73
CA ARG D 62 45.76 -4.65 -0.47
C ARG D 62 45.08 -3.74 0.56
N LEU D 63 43.77 -3.53 0.42
CA LEU D 63 43.08 -2.67 1.38
C LEU D 63 42.88 -3.35 2.73
N ALA D 64 42.75 -4.68 2.76
CA ALA D 64 42.31 -5.34 3.98
C ALA D 64 43.29 -6.38 4.54
N GLY D 65 44.32 -6.75 3.79
CA GLY D 65 45.24 -7.73 4.32
C GLY D 65 44.75 -9.16 4.27
N VAL D 66 43.66 -9.43 3.56
CA VAL D 66 43.19 -10.80 3.40
C VAL D 66 44.20 -11.58 2.56
N THR D 67 44.54 -12.79 3.01
CA THR D 67 45.39 -13.67 2.20
C THR D 67 44.64 -14.82 1.55
N GLN D 68 43.58 -15.32 2.17
CA GLN D 68 42.77 -16.38 1.55
C GLN D 68 41.87 -15.74 0.50
N LEU D 69 42.29 -15.82 -0.76
CA LEU D 69 41.65 -15.11 -1.87
C LEU D 69 41.55 -16.09 -3.03
N ALA D 70 40.33 -16.53 -3.32
CA ALA D 70 40.10 -17.66 -4.20
C ALA D 70 39.29 -17.23 -5.41
N GLY D 71 39.71 -17.72 -6.58
CA GLY D 71 39.01 -17.43 -7.82
C GLY D 71 39.20 -18.58 -8.77
N LEU D 72 38.36 -18.63 -9.80
CA LEU D 72 38.36 -19.76 -10.73
C LEU D 72 38.63 -19.37 -12.18
N ALA D 73 38.25 -18.18 -12.61
CA ALA D 73 38.31 -17.83 -14.02
C ALA D 73 38.52 -16.33 -14.16
N ARG D 74 39.19 -15.95 -15.23
CA ARG D 74 39.56 -14.56 -15.49
C ARG D 74 39.36 -14.28 -16.97
N TYR D 75 38.52 -13.30 -17.30
CA TYR D 75 38.28 -13.01 -18.69
C TYR D 75 38.75 -11.60 -19.03
N PRO D 76 39.37 -11.42 -20.20
CA PRO D 76 39.94 -10.11 -20.52
C PRO D 76 38.90 -9.02 -20.74
N GLN D 77 37.80 -9.33 -21.42
CA GLN D 77 36.86 -8.29 -21.82
C GLN D 77 36.08 -7.76 -20.61
N PRO D 78 35.81 -6.43 -20.56
CA PRO D 78 35.02 -5.86 -19.44
C PRO D 78 33.53 -5.97 -19.72
N MET D 79 33.03 -7.21 -19.70
CA MET D 79 31.64 -7.52 -19.99
C MET D 79 31.09 -8.37 -18.87
N ALA D 80 29.80 -8.72 -18.96
CA ALA D 80 29.26 -9.71 -18.05
C ALA D 80 29.96 -11.05 -18.30
N PRO D 81 30.11 -11.89 -17.26
CA PRO D 81 30.75 -13.19 -17.41
C PRO D 81 30.35 -13.99 -18.65
N ALA D 82 29.06 -14.15 -18.92
CA ALA D 82 28.65 -14.94 -20.08
C ALA D 82 29.08 -14.28 -21.38
N ALA D 83 29.06 -12.95 -21.45
CA ALA D 83 29.50 -12.25 -22.66
C ALA D 83 31.01 -12.34 -22.81
N ALA D 84 31.76 -12.05 -21.74
CA ALA D 84 33.22 -12.12 -21.81
C ALA D 84 33.68 -13.52 -22.19
N ALA D 85 33.01 -14.55 -21.68
CA ALA D 85 33.39 -15.92 -22.02
C ALA D 85 33.08 -16.23 -23.48
N GLU D 86 31.92 -15.81 -23.99
CA GLU D 86 31.59 -16.10 -25.38
C GLU D 86 32.53 -15.36 -26.32
N HIS D 87 32.90 -14.13 -25.96
CA HIS D 87 33.91 -13.41 -26.72
C HIS D 87 35.23 -14.18 -26.79
N ALA D 88 35.64 -14.74 -25.65
CA ALA D 88 36.91 -15.46 -25.59
C ALA D 88 36.84 -16.83 -26.24
N GLY D 89 35.64 -17.36 -26.50
CA GLY D 89 35.53 -18.70 -27.00
C GLY D 89 35.78 -19.79 -25.98
N MET D 90 35.66 -19.49 -24.69
CA MET D 90 35.89 -20.46 -23.64
C MET D 90 34.76 -20.39 -22.62
N ALA D 91 34.25 -21.56 -22.23
CA ALA D 91 33.07 -21.60 -21.37
C ALA D 91 33.33 -20.99 -20.00
N LEU D 92 32.24 -20.65 -19.30
CA LEU D 92 32.27 -20.33 -17.88
C LEU D 92 32.61 -21.58 -17.06
N PRO D 93 33.16 -21.42 -15.85
CA PRO D 93 33.33 -22.57 -14.97
C PRO D 93 31.98 -23.21 -14.66
N ALA D 94 32.02 -24.45 -14.22
CA ALA D 94 30.80 -25.19 -13.89
C ALA D 94 30.24 -24.77 -12.53
N ARG D 95 28.91 -24.88 -12.40
CA ARG D 95 28.24 -24.67 -11.11
C ARG D 95 28.94 -25.44 -10.00
N ASP D 96 29.27 -26.70 -10.27
CA ASP D 96 30.02 -27.56 -9.35
C ASP D 96 31.27 -26.87 -8.81
N GLN D 97 32.09 -26.34 -9.72
CA GLN D 97 33.35 -25.73 -9.31
C GLN D 97 33.10 -24.59 -8.34
N ILE D 98 32.14 -23.73 -8.66
CA ILE D 98 31.90 -22.55 -7.85
C ILE D 98 31.43 -22.93 -6.45
N VAL D 99 30.43 -23.80 -6.33
N VAL D 99 30.41 -23.77 -6.37
CA VAL D 99 29.90 -24.07 -5.00
CA VAL D 99 29.86 -24.18 -5.09
C VAL D 99 30.89 -24.89 -4.17
C VAL D 99 30.91 -24.84 -4.22
N ARG D 100 31.61 -25.83 -4.79
CA ARG D 100 32.56 -26.62 -4.00
C ARG D 100 33.77 -25.81 -3.57
N LEU D 101 34.22 -24.85 -4.39
CA LEU D 101 35.32 -23.98 -3.97
C LEU D 101 34.92 -23.16 -2.76
N ILE D 102 33.74 -22.53 -2.83
CA ILE D 102 33.24 -21.75 -1.71
C ILE D 102 33.13 -22.61 -0.45
N ALA D 103 32.57 -23.81 -0.59
CA ALA D 103 32.34 -24.67 0.56
C ALA D 103 33.64 -25.09 1.26
N ASP D 104 34.68 -25.34 0.47
CA ASP D 104 35.96 -25.73 1.06
C ASP D 104 36.73 -24.54 1.61
N LEU D 105 36.31 -23.31 1.28
CA LEU D 105 36.84 -22.13 1.97
C LEU D 105 36.29 -22.03 3.38
N ASP D 106 35.07 -22.52 3.58
CA ASP D 106 34.37 -22.32 4.83
C ASP D 106 35.07 -23.09 5.93
N ARG D 107 35.16 -22.50 7.11
CA ARG D 107 35.65 -23.22 8.27
C ARG D 107 35.18 -22.52 9.53
N PRO D 108 35.18 -23.20 10.68
CA PRO D 108 34.73 -22.57 11.92
C PRO D 108 35.53 -21.31 12.25
N GLY D 109 34.82 -20.28 12.69
CA GLY D 109 35.46 -19.04 13.06
C GLY D 109 35.79 -18.14 11.89
N ARG D 110 35.38 -18.48 10.68
CA ARG D 110 35.76 -17.72 9.50
C ARG D 110 34.54 -17.07 8.87
N LEU D 111 34.72 -15.84 8.44
CA LEU D 111 33.75 -15.16 7.57
C LEU D 111 34.27 -15.26 6.15
N THR D 112 33.55 -15.98 5.30
CA THR D 112 33.86 -16.08 3.87
C THR D 112 32.90 -15.20 3.08
N LEU D 113 33.44 -14.20 2.38
CA LEU D 113 32.67 -13.33 1.50
C LEU D 113 32.79 -13.80 0.06
N VAL D 114 31.67 -13.85 -0.65
CA VAL D 114 31.64 -14.28 -2.04
C VAL D 114 31.18 -13.10 -2.89
N GLU D 115 32.05 -12.65 -3.80
CA GLU D 115 31.74 -11.51 -4.65
C GLU D 115 31.31 -12.01 -6.03
N GLY D 116 30.08 -11.71 -6.43
CA GLY D 116 29.67 -12.01 -7.78
C GLY D 116 30.17 -10.94 -8.73
N ALA D 117 29.49 -10.86 -9.87
CA ALA D 117 29.80 -9.86 -10.87
C ALA D 117 28.49 -9.19 -11.26
N GLY D 118 28.50 -7.86 -11.34
CA GLY D 118 27.28 -7.13 -11.60
C GLY D 118 26.24 -7.42 -10.53
N GLY D 119 24.97 -7.44 -10.96
CA GLY D 119 23.87 -7.66 -10.06
C GLY D 119 23.54 -9.14 -9.79
N LEU D 120 22.49 -9.31 -8.97
CA LEU D 120 22.20 -10.61 -8.37
C LEU D 120 21.91 -11.68 -9.42
N LEU D 121 21.25 -11.32 -10.51
CA LEU D 121 20.81 -12.32 -11.48
C LEU D 121 21.79 -12.48 -12.64
N VAL D 122 23.00 -11.95 -12.51
CA VAL D 122 24.01 -12.14 -13.54
C VAL D 122 24.44 -13.60 -13.58
N GLU D 123 24.54 -14.14 -14.78
CA GLU D 123 24.90 -15.54 -14.97
C GLU D 123 26.38 -15.74 -14.62
N LEU D 124 26.65 -16.64 -13.68
CA LEU D 124 28.02 -16.96 -13.29
C LEU D 124 28.50 -18.31 -13.82
N ALA D 125 27.59 -19.20 -14.21
CA ALA D 125 27.97 -20.55 -14.64
C ALA D 125 26.96 -21.06 -15.67
N GLU D 126 27.38 -22.13 -16.36
CA GLU D 126 26.92 -22.46 -17.71
C GLU D 126 25.42 -22.45 -17.92
N PRO D 127 24.59 -23.14 -17.09
CA PRO D 127 23.14 -23.23 -17.37
C PRO D 127 22.27 -22.19 -16.67
N GLY D 128 22.65 -20.92 -16.77
CA GLY D 128 21.88 -19.86 -16.14
C GLY D 128 22.02 -19.76 -14.64
N VAL D 129 23.14 -20.20 -14.09
CA VAL D 129 23.32 -20.25 -12.64
C VAL D 129 23.74 -18.87 -12.14
N THR D 130 23.11 -18.40 -11.08
CA THR D 130 23.43 -17.08 -10.55
C THR D 130 23.97 -17.17 -9.13
N LEU D 131 24.37 -16.01 -8.64
CA LEU D 131 24.81 -15.91 -7.25
C LEU D 131 23.68 -16.25 -6.30
N ARG D 132 22.43 -15.99 -6.70
CA ARG D 132 21.32 -16.42 -5.86
C ARG D 132 21.28 -17.94 -5.71
N ASP D 133 21.50 -18.66 -6.82
CA ASP D 133 21.59 -20.12 -6.75
C ASP D 133 22.73 -20.56 -5.84
N VAL D 134 23.88 -19.91 -5.99
CA VAL D 134 25.03 -20.25 -5.17
C VAL D 134 24.70 -20.06 -3.70
N ALA D 135 24.07 -18.93 -3.35
CA ALA D 135 23.69 -18.66 -1.96
C ALA D 135 22.81 -19.75 -1.40
N VAL D 136 21.84 -20.22 -2.17
CA VAL D 136 20.99 -21.29 -1.67
C VAL D 136 21.83 -22.53 -1.39
N ASP D 137 22.73 -22.86 -2.32
CA ASP D 137 23.44 -24.13 -2.23
C ASP D 137 24.41 -24.17 -1.06
N VAL D 138 24.91 -23.03 -0.61
CA VAL D 138 25.85 -23.02 0.51
C VAL D 138 25.22 -22.43 1.77
N ALA D 139 23.91 -22.12 1.71
CA ALA D 139 23.17 -21.50 2.80
C ALA D 139 23.82 -20.21 3.29
N ALA D 140 24.24 -19.37 2.33
CA ALA D 140 24.76 -18.04 2.63
C ALA D 140 23.64 -17.00 2.64
N ALA D 141 23.74 -16.02 3.54
CA ALA D 141 22.90 -14.84 3.43
C ALA D 141 23.51 -13.86 2.41
N ALA D 142 22.75 -12.83 2.05
CA ALA D 142 23.16 -11.89 1.01
C ALA D 142 23.26 -10.49 1.58
N LEU D 143 24.39 -9.84 1.36
CA LEU D 143 24.61 -8.43 1.67
C LEU D 143 24.51 -7.66 0.37
N VAL D 144 23.64 -6.63 0.33
CA VAL D 144 23.31 -5.95 -0.93
C VAL D 144 23.94 -4.58 -0.92
N VAL D 145 24.79 -4.33 -1.91
CA VAL D 145 25.45 -3.04 -2.08
C VAL D 145 24.59 -2.19 -2.99
N VAL D 146 24.22 -0.99 -2.52
CA VAL D 146 23.32 -0.11 -3.25
C VAL D 146 24.00 1.25 -3.42
N THR D 147 23.42 2.08 -4.28
CA THR D 147 23.86 3.46 -4.41
C THR D 147 22.93 4.38 -3.64
N ALA D 148 23.29 5.65 -3.62
CA ALA D 148 22.44 6.69 -3.07
C ALA D 148 21.69 7.46 -4.16
N ASP D 149 21.88 7.09 -5.42
CA ASP D 149 21.38 7.86 -6.55
C ASP D 149 19.90 7.58 -6.82
N LEU D 150 19.36 8.34 -7.77
CA LEU D 150 17.98 8.15 -8.21
C LEU D 150 17.82 6.79 -8.86
N GLY D 151 16.80 6.05 -8.41
CA GLY D 151 16.55 4.71 -8.88
C GLY D 151 16.90 3.64 -7.87
N THR D 152 17.66 3.99 -6.83
CA THR D 152 18.16 2.98 -5.91
C THR D 152 17.03 2.29 -5.14
N LEU D 153 15.95 3.01 -4.84
CA LEU D 153 14.86 2.40 -4.08
C LEU D 153 14.19 1.28 -4.89
N ASN D 154 13.92 1.54 -6.17
CA ASN D 154 13.34 0.51 -7.04
C ASN D 154 14.28 -0.67 -7.19
N HIS D 155 15.56 -0.39 -7.48
CA HIS D 155 16.55 -1.45 -7.68
C HIS D 155 16.80 -2.26 -6.42
N THR D 156 16.70 -1.62 -5.24
CA THR D 156 16.88 -2.35 -4.00
C THR D 156 15.67 -3.21 -3.69
N LYS D 157 14.46 -2.65 -3.84
CA LYS D 157 13.26 -3.43 -3.59
C LYS D 157 13.19 -4.65 -4.52
N LEU D 158 13.59 -4.44 -5.78
CA LEU D 158 13.56 -5.55 -6.75
C LEU D 158 14.56 -6.64 -6.39
N THR D 159 15.78 -6.25 -6.03
CA THR D 159 16.81 -7.20 -5.63
C THR D 159 16.39 -7.97 -4.39
N LEU D 160 15.83 -7.26 -3.41
CA LEU D 160 15.40 -7.91 -2.17
C LEU D 160 14.22 -8.83 -2.42
N GLU D 161 13.34 -8.47 -3.35
CA GLU D 161 12.26 -9.39 -3.68
C GLU D 161 12.81 -10.68 -4.26
N ALA D 162 13.83 -10.57 -5.12
CA ALA D 162 14.44 -11.75 -5.74
C ALA D 162 15.09 -12.67 -4.72
N LEU D 163 15.74 -12.10 -3.71
CA LEU D 163 16.31 -12.90 -2.63
C LEU D 163 15.23 -13.65 -1.87
N ALA D 164 14.16 -12.93 -1.49
CA ALA D 164 13.11 -13.56 -0.71
C ALA D 164 12.41 -14.63 -1.51
N ALA D 165 12.35 -14.47 -2.84
CA ALA D 165 11.76 -15.48 -3.70
C ALA D 165 12.39 -16.85 -3.49
N GLN D 166 13.68 -16.91 -3.15
CA GLN D 166 14.38 -18.18 -2.95
C GLN D 166 14.83 -18.36 -1.50
N GLN D 167 14.20 -17.65 -0.57
CA GLN D 167 14.48 -17.77 0.86
C GLN D 167 15.96 -17.53 1.16
N VAL D 168 16.58 -16.62 0.42
CA VAL D 168 17.92 -16.17 0.75
C VAL D 168 17.79 -14.97 1.67
N SER D 169 18.31 -15.11 2.87
CA SER D 169 18.20 -14.06 3.87
C SER D 169 19.01 -12.84 3.44
N CYS D 170 18.45 -11.67 3.67
CA CYS D 170 19.19 -10.43 3.42
C CYS D 170 19.91 -10.03 4.70
N ALA D 171 21.23 -9.96 4.63
CA ALA D 171 22.07 -9.52 5.74
C ALA D 171 22.06 -8.00 5.91
N GLY D 172 21.37 -7.26 5.04
CA GLY D 172 21.30 -5.82 5.12
C GLY D 172 21.87 -5.16 3.88
N LEU D 173 21.88 -3.83 3.92
CA LEU D 173 22.35 -3.00 2.83
C LEU D 173 23.65 -2.30 3.22
N VAL D 174 24.44 -1.98 2.21
CA VAL D 174 25.61 -1.12 2.38
C VAL D 174 25.60 -0.12 1.23
N ILE D 175 25.56 1.16 1.56
CA ILE D 175 25.72 2.18 0.53
C ILE D 175 27.17 2.18 0.11
N GLY D 176 27.43 1.93 -1.18
CA GLY D 176 28.79 1.69 -1.61
C GLY D 176 29.64 2.94 -1.60
N SER D 177 29.06 4.07 -1.98
CA SER D 177 29.79 5.34 -2.12
C SER D 177 28.90 6.47 -1.63
N TRP D 178 29.23 7.03 -0.46
CA TRP D 178 28.45 8.09 0.15
C TRP D 178 29.14 9.42 -0.09
N PRO D 179 28.48 10.39 -0.73
CA PRO D 179 29.16 11.60 -1.17
C PRO D 179 29.18 12.68 -0.08
N ASP D 180 30.19 13.54 -0.19
CA ASP D 180 30.37 14.67 0.72
C ASP D 180 30.56 15.93 -0.11
N PRO D 181 29.59 16.86 -0.13
CA PRO D 181 28.33 16.78 0.62
C PRO D 181 27.23 16.03 -0.13
N PRO D 182 26.21 15.56 0.61
CA PRO D 182 25.13 14.79 -0.02
C PRO D 182 24.04 15.69 -0.59
N GLY D 183 23.71 15.47 -1.87
CA GLY D 183 22.63 16.17 -2.51
C GLY D 183 21.28 15.82 -1.88
N LEU D 184 20.23 16.41 -2.47
CA LEU D 184 18.88 16.19 -1.95
C LEU D 184 18.44 14.74 -2.14
N VAL D 185 18.68 14.19 -3.34
CA VAL D 185 18.24 12.83 -3.65
C VAL D 185 18.97 11.82 -2.76
N ALA D 186 20.30 11.95 -2.66
CA ALA D 186 21.08 11.03 -1.85
C ALA D 186 20.62 11.04 -0.40
N ALA D 187 20.37 12.22 0.16
CA ALA D 187 19.99 12.30 1.57
C ALA D 187 18.62 11.70 1.83
N SER D 188 17.67 11.93 0.92
CA SER D 188 16.36 11.32 1.06
C SER D 188 16.45 9.81 0.91
N ASN D 189 17.32 9.34 0.02
CA ASN D 189 17.48 7.92 -0.24
C ASN D 189 18.09 7.19 0.94
N ARG D 190 19.08 7.79 1.61
CA ARG D 190 19.68 7.11 2.77
C ARG D 190 18.63 6.85 3.83
N SER D 191 17.70 7.80 4.03
CA SER D 191 16.59 7.60 4.95
C SER D 191 15.59 6.59 4.40
N ALA D 192 15.32 6.67 3.09
CA ALA D 192 14.35 5.78 2.47
C ALA D 192 14.83 4.34 2.53
N LEU D 193 16.09 4.10 2.17
CA LEU D 193 16.67 2.77 2.23
C LEU D 193 16.51 2.13 3.61
N ALA D 194 16.67 2.93 4.66
CA ALA D 194 16.61 2.38 6.00
C ALA D 194 15.21 1.91 6.38
N ARG D 195 14.18 2.43 5.72
CA ARG D 195 12.84 1.90 5.90
C ARG D 195 12.65 0.56 5.20
N ILE D 196 13.50 0.26 4.21
CA ILE D 196 13.40 -1.00 3.49
C ILE D 196 14.11 -2.12 4.26
N ALA D 197 15.34 -1.86 4.70
CA ALA D 197 16.15 -2.86 5.41
C ALA D 197 17.22 -2.12 6.22
N MET D 198 17.90 -2.88 7.08
CA MET D 198 18.97 -2.31 7.89
C MET D 198 20.13 -1.89 7.01
N VAL D 199 20.46 -0.60 7.00
CA VAL D 199 21.68 -0.13 6.34
C VAL D 199 22.83 -0.39 7.30
N ARG D 200 23.71 -1.34 6.95
CA ARG D 200 24.77 -1.76 7.85
C ARG D 200 25.96 -0.79 7.87
N ALA D 201 26.16 -0.04 6.79
CA ALA D 201 27.24 0.94 6.70
C ALA D 201 27.01 1.77 5.45
N ALA D 202 27.66 2.94 5.41
CA ALA D 202 27.69 3.77 4.21
C ALA D 202 29.12 4.27 4.04
N LEU D 203 29.80 3.80 3.01
CA LEU D 203 31.21 4.04 2.86
C LEU D 203 31.48 5.41 2.26
N PRO D 204 32.43 6.17 2.83
CA PRO D 204 32.87 7.41 2.18
C PRO D 204 33.28 7.18 0.73
N ALA D 205 32.98 8.16 -0.11
CA ALA D 205 33.37 8.09 -1.52
C ALA D 205 34.89 8.01 -1.65
N GLY D 206 35.34 7.47 -2.78
CA GLY D 206 36.76 7.27 -3.04
C GLY D 206 37.52 6.57 -1.92
N ALA D 207 36.86 5.68 -1.19
CA ALA D 207 37.51 5.00 -0.08
C ALA D 207 38.57 4.00 -0.55
N ALA D 208 38.54 3.61 -1.83
CA ALA D 208 39.50 2.63 -2.35
C ALA D 208 40.89 3.20 -2.53
N SER D 209 41.07 4.51 -2.36
CA SER D 209 42.38 5.13 -2.49
C SER D 209 43.06 5.38 -1.14
N LEU D 210 42.37 5.18 -0.03
CA LEU D 210 42.97 5.36 1.28
C LEU D 210 44.17 4.44 1.45
N ASP D 211 45.17 4.92 2.18
CA ASP D 211 46.26 4.06 2.61
C ASP D 211 45.71 2.94 3.47
N ALA D 212 46.39 1.79 3.45
CA ALA D 212 45.93 0.64 4.21
C ALA D 212 45.66 0.98 5.66
N GLY D 213 46.43 1.91 6.24
CA GLY D 213 46.22 2.28 7.63
C GLY D 213 44.94 3.07 7.83
N ASP D 214 44.71 4.08 6.99
CA ASP D 214 43.49 4.88 7.12
C ASP D 214 42.26 4.07 6.74
N PHE D 215 42.35 3.27 5.69
CA PHE D 215 41.23 2.40 5.31
C PHE D 215 40.75 1.57 6.50
N ALA D 216 41.69 1.07 7.30
CA ALA D 216 41.32 0.23 8.43
C ALA D 216 40.52 1.01 9.46
N ALA D 217 40.85 2.28 9.66
CA ALA D 217 40.09 3.10 10.62
C ALA D 217 38.69 3.38 10.10
N MET D 218 38.57 3.72 8.82
CA MET D 218 37.25 3.93 8.22
C MET D 218 36.38 2.70 8.37
N SER D 219 36.95 1.52 8.09
CA SER D 219 36.18 0.28 8.14
C SER D 219 35.67 -0.02 9.54
N ALA D 220 36.48 0.25 10.57
CA ALA D 220 36.00 0.02 11.92
C ALA D 220 34.97 1.06 12.34
N ALA D 221 34.95 2.23 11.68
CA ALA D 221 33.91 3.21 11.97
C ALA D 221 32.65 2.96 11.15
N ALA D 222 32.81 2.47 9.92
CA ALA D 222 31.67 2.33 9.02
C ALA D 222 30.63 1.35 9.56
N PHE D 223 31.08 0.24 10.15
CA PHE D 223 30.18 -0.81 10.61
C PHE D 223 30.04 -0.79 12.14
N ASP D 224 28.91 -1.30 12.59
CA ASP D 224 28.65 -1.47 14.02
C ASP D 224 29.41 -2.70 14.54
N ARG D 225 30.33 -2.48 15.48
CA ARG D 225 31.20 -3.55 15.97
C ARG D 225 30.42 -4.76 16.47
N ASN D 226 29.24 -4.54 17.06
CA ASN D 226 28.47 -5.67 17.57
C ASN D 226 27.91 -6.52 16.44
N TRP D 227 27.44 -5.89 15.35
CA TRP D 227 26.90 -6.65 14.25
C TRP D 227 27.96 -7.51 13.59
N VAL D 228 29.11 -6.90 13.28
CA VAL D 228 30.24 -7.62 12.69
C VAL D 228 30.61 -8.82 13.53
N ALA D 229 30.86 -8.60 14.83
CA ALA D 229 31.26 -9.71 15.69
C ALA D 229 30.19 -10.80 15.73
N GLY D 230 28.92 -10.43 15.80
CA GLY D 230 27.86 -11.41 15.80
C GLY D 230 27.74 -12.22 14.53
N LEU D 231 28.46 -11.85 13.47
CA LEU D 231 28.43 -12.63 12.24
C LEU D 231 29.08 -13.99 12.42
N VAL D 232 30.04 -14.06 13.35
CA VAL D 232 30.78 -15.24 13.78
C VAL D 232 31.37 -15.96 12.59
#